data_8GZP
#
_entry.id   8GZP
#
_cell.length_a   1.00
_cell.length_b   1.00
_cell.length_c   1.00
_cell.angle_alpha   90.00
_cell.angle_beta   90.00
_cell.angle_gamma   90.00
#
_symmetry.space_group_name_H-M   'P 1'
#
loop_
_entity.id
_entity.type
_entity.pdbx_description
1 polymer 'Genome polyprotein'
2 polymer RNA
3 non-polymer 'ZINC ION'
4 non-polymer "GUANOSINE-5'-DIPHOSPHATE"
5 non-polymer 'MAGNESIUM ION'
#
loop_
_entity_poly.entity_id
_entity_poly.type
_entity_poly.pdbx_seq_one_letter_code
_entity_poly.pdbx_strand_id
1 'polypeptide(L)'
;GPSSGSSGGTGSQGETLGEKWKKRLNQLSRKEFDLYKKSGITEVDRTEAKEGLKRGEITHHAVSRGSAKLQWFVERNMVI
PEGRVIDLGCGRGGWSYYCAGLKKVTEVRGYTKGGPGHEEPVPMSTYGWNIVKLMSGKDVFYLPPEKCDTLLCDIGESSP
SPTVEESRTIRVLKMVEPWLKNNQFCIKVLNPYMPTVIEHLERLQRKHGGMLVRNPLSRNSTHEMYWISNGTGNIVSSVN
MVSRLLLNRFTMTYRRPTIEKDVDLGAGTRHVNAEPETPNMDVIGERIRRIKEEHSSTWHYDDENPYKTWAYHGSYEVKA
TGSASSMINGVVKLLTKPWDVVPTVTQMAMTDTTPFGQQRVFKEKVDTRTPKPMPGTRKVMEITAGWLWRTLGRNKRPRL
CTREEFTKKVRTNAAMGAVFTEENQWDSARAAVEDEEFWKLVDRERELHKQGKCGSCVYNMMGKREKKLGEFGKAKGSRA
IWYMWLGARYLEFEALGFLNEDHWFSRENSYSGVEGEGLHKLGYILRDISKIPGGAMYADDTAGWDTRITEDDLHNEEKI
TQQMDPEHRQLANAIFKLTYQNKVVKVQRPTPKGTVMDIISRKDQRGSGQVGTYGLNTFTNMEAQLIRQMEGEGVLSKTD
LENPHLLEKKITQWLETKGVERLKRMAISGDDCVVKPIDDRFANALLALNDMGKVRKDIPQWQPSKGWHDWQQVPFCSHH
FHELIMKDGRKLVVPCRPQDELIGRARISQGAGWSLKETACLGKAYAQMWALMYFHRRDLRLASNAICSAVPVHWVPTSR
TTWSIHAHHQWMTTEDMLTVWNRVWIEDNPWMEDKTPVTTWEDVPYLGKREDQWCGSLIGLTSRATWAQNILTAIQQVRS
LIGNEEFLDYMPSMKRFRKEEESEGAIW
;
A
2 'polyribonucleotide'
;(GDP)AGUUGUUAGUCUGUGUGGACCGACAAGGACAGUUCCAAAUCGGAAGCUUGCUUAACACAGUUCUAACAGUUUGUU
UAGAUAGAGAGCAGUAACCUGCUUUCUCUGCAACAUCAAUCCAGGCACAGAGCGCCGCGAGAUGGAUUGGUGUUGUUGAU
CCAACAGGUUCU
;
S
#
loop_
_chem_comp.id
_chem_comp.type
_chem_comp.name
_chem_comp.formula
A RNA linking ADENOSINE-5'-MONOPHOSPHATE 'C10 H14 N5 O7 P'
C RNA linking CYTIDINE-5'-MONOPHOSPHATE 'C9 H14 N3 O8 P'
G RNA linking GUANOSINE-5'-MONOPHOSPHATE 'C10 H14 N5 O8 P'
GDP RNA linking GUANOSINE-5'-DIPHOSPHATE 'C10 H15 N5 O11 P2'
MG non-polymer 'MAGNESIUM ION' 'Mg 2'
U RNA linking URIDINE-5'-MONOPHOSPHATE 'C9 H13 N2 O9 P'
ZN non-polymer 'ZINC ION' 'Zn 2'
#
# COMPACT_ATOMS: atom_id res chain seq x y z
N GLU A 15 -40.82 -31.83 0.33
CA GLU A 15 -40.48 -30.42 0.25
C GLU A 15 -39.02 -30.21 0.61
N THR A 16 -38.19 -30.01 -0.40
CA THR A 16 -36.76 -29.83 -0.19
C THR A 16 -36.48 -28.59 0.66
N LEU A 17 -35.29 -28.56 1.23
CA LEU A 17 -34.96 -27.47 2.14
C LEU A 17 -34.95 -26.13 1.41
N GLY A 18 -34.42 -26.11 0.19
CA GLY A 18 -34.26 -24.85 -0.51
C GLY A 18 -35.56 -24.12 -0.70
N GLU A 19 -36.61 -24.83 -1.14
CA GLU A 19 -37.88 -24.15 -1.34
C GLU A 19 -38.47 -23.69 -0.03
N LYS A 20 -38.20 -24.41 1.06
CA LYS A 20 -38.64 -23.92 2.36
C LYS A 20 -37.96 -22.60 2.68
N TRP A 21 -36.66 -22.51 2.42
CA TRP A 21 -35.96 -21.24 2.58
C TRP A 21 -36.59 -20.16 1.72
N LYS A 22 -36.96 -20.52 0.49
CA LYS A 22 -37.51 -19.54 -0.45
C LYS A 22 -38.82 -19.00 0.07
N LYS A 23 -39.70 -19.87 0.56
CA LYS A 23 -40.99 -19.41 1.05
C LYS A 23 -40.81 -18.54 2.29
N ARG A 24 -39.98 -19.00 3.23
CA ARG A 24 -39.75 -18.22 4.44
C ARG A 24 -39.21 -16.84 4.09
N LEU A 25 -38.29 -16.77 3.13
CA LEU A 25 -37.82 -15.47 2.67
C LEU A 25 -38.94 -14.66 2.07
N ASN A 26 -39.78 -15.30 1.26
CA ASN A 26 -40.86 -14.58 0.62
C ASN A 26 -41.88 -14.05 1.62
N GLN A 27 -41.85 -14.53 2.86
CA GLN A 27 -42.74 -14.01 3.90
C GLN A 27 -42.04 -12.99 4.79
N LEU A 28 -41.17 -12.17 4.23
CA LEU A 28 -40.47 -11.14 4.99
C LEU A 28 -41.09 -9.77 4.73
N SER A 29 -40.65 -8.79 5.52
CA SER A 29 -41.09 -7.41 5.40
C SER A 29 -39.98 -6.57 4.78
N ARG A 30 -40.26 -5.28 4.64
CA ARG A 30 -39.33 -4.39 3.94
C ARG A 30 -37.99 -4.31 4.66
N LYS A 31 -37.97 -3.76 5.87
CA LYS A 31 -36.69 -3.60 6.56
C LYS A 31 -36.14 -4.93 7.02
N GLU A 32 -37.01 -5.89 7.32
CA GLU A 32 -36.53 -7.23 7.63
C GLU A 32 -35.75 -7.81 6.45
N PHE A 33 -36.27 -7.65 5.25
CA PHE A 33 -35.56 -8.09 4.05
C PHE A 33 -34.26 -7.32 3.87
N ASP A 34 -34.33 -6.00 4.03
CA ASP A 34 -33.16 -5.16 3.82
C ASP A 34 -32.04 -5.52 4.78
N LEU A 35 -32.36 -5.97 5.98
CA LEU A 35 -31.32 -6.35 6.91
C LEU A 35 -30.91 -7.81 6.77
N TYR A 36 -31.84 -8.71 6.44
CA TYR A 36 -31.47 -10.12 6.34
C TYR A 36 -30.62 -10.38 5.12
N LYS A 37 -30.79 -9.62 4.04
CA LYS A 37 -29.98 -9.87 2.86
C LYS A 37 -28.51 -9.58 3.09
N LYS A 38 -28.15 -8.90 4.18
CA LYS A 38 -26.78 -8.51 4.45
C LYS A 38 -26.34 -8.98 5.83
N SER A 39 -26.57 -10.27 6.12
CA SER A 39 -26.23 -10.84 7.42
C SER A 39 -25.03 -11.77 7.24
N GLY A 40 -23.87 -11.31 7.68
CA GLY A 40 -22.69 -12.15 7.69
C GLY A 40 -22.07 -12.40 6.33
N ILE A 41 -22.27 -11.52 5.37
CA ILE A 41 -21.64 -11.63 4.07
C ILE A 41 -20.57 -10.56 3.96
N THR A 42 -19.64 -10.77 3.04
CA THR A 42 -18.56 -9.84 2.77
C THR A 42 -18.94 -8.95 1.61
N GLU A 43 -18.59 -7.67 1.72
CA GLU A 43 -18.99 -6.68 0.73
C GLU A 43 -17.78 -5.89 0.28
N VAL A 44 -17.92 -5.24 -0.86
CA VAL A 44 -16.84 -4.51 -1.52
C VAL A 44 -17.18 -3.03 -1.52
N ASP A 45 -16.28 -2.21 -0.99
CA ASP A 45 -16.53 -0.77 -0.94
C ASP A 45 -16.43 -0.14 -2.32
N ARG A 46 -17.56 -0.05 -3.01
CA ARG A 46 -17.57 0.48 -4.36
C ARG A 46 -17.76 1.98 -4.41
N THR A 47 -17.81 2.66 -3.27
CA THR A 47 -18.09 4.10 -3.28
C THR A 47 -17.07 4.85 -4.10
N GLU A 48 -15.78 4.52 -3.91
CA GLU A 48 -14.75 5.13 -4.75
C GLU A 48 -14.96 4.78 -6.20
N ALA A 49 -15.26 3.51 -6.49
CA ALA A 49 -15.49 3.11 -7.87
C ALA A 49 -16.73 3.76 -8.43
N LYS A 50 -17.80 3.85 -7.64
CA LYS A 50 -19.01 4.48 -8.14
C LYS A 50 -18.73 5.92 -8.50
N GLU A 51 -18.04 6.64 -7.63
CA GLU A 51 -17.70 8.03 -7.92
C GLU A 51 -16.82 8.14 -9.15
N GLY A 52 -15.81 7.27 -9.26
CA GLY A 52 -14.90 7.37 -10.39
C GLY A 52 -15.59 7.11 -11.71
N LEU A 53 -16.41 6.07 -11.76
CA LEU A 53 -17.14 5.78 -12.98
C LEU A 53 -18.10 6.91 -13.31
N LYS A 54 -18.74 7.50 -12.29
CA LYS A 54 -19.64 8.62 -12.55
C LYS A 54 -18.87 9.79 -13.16
N ARG A 55 -17.69 10.07 -12.63
CA ARG A 55 -16.88 11.16 -13.18
C ARG A 55 -16.48 10.88 -14.62
N GLY A 56 -16.07 9.65 -14.91
CA GLY A 56 -15.69 9.30 -16.26
C GLY A 56 -14.27 8.80 -16.41
N GLU A 57 -13.68 8.27 -15.34
CA GLU A 57 -12.35 7.70 -15.43
C GLU A 57 -12.38 6.41 -16.23
N ILE A 58 -11.23 6.04 -16.78
CA ILE A 58 -11.10 4.89 -17.65
C ILE A 58 -10.08 3.88 -17.16
N THR A 59 -9.52 4.07 -15.96
CA THR A 59 -8.49 3.18 -15.47
C THR A 59 -8.73 2.89 -14.00
N HIS A 60 -8.11 1.81 -13.53
CA HIS A 60 -8.03 1.47 -12.11
C HIS A 60 -9.40 1.28 -11.46
N HIS A 61 -10.39 0.83 -12.21
CA HIS A 61 -11.73 0.74 -11.62
C HIS A 61 -12.46 -0.49 -12.11
N ALA A 62 -13.03 -1.22 -11.17
CA ALA A 62 -13.90 -2.33 -11.52
C ALA A 62 -15.23 -1.79 -12.01
N VAL A 63 -15.72 -2.32 -13.13
CA VAL A 63 -16.97 -1.82 -13.68
C VAL A 63 -18.14 -2.12 -12.75
N SER A 64 -18.11 -3.26 -12.07
CA SER A 64 -19.22 -3.64 -11.21
C SER A 64 -18.67 -4.43 -10.03
N ARG A 65 -19.53 -5.15 -9.33
CA ARG A 65 -19.07 -6.06 -8.31
C ARG A 65 -18.81 -7.46 -8.85
N GLY A 66 -18.95 -7.65 -10.16
CA GLY A 66 -18.59 -8.94 -10.73
C GLY A 66 -17.11 -9.19 -10.66
N SER A 67 -16.31 -8.13 -10.64
CA SER A 67 -14.86 -8.30 -10.63
C SER A 67 -14.41 -8.99 -9.34
N ALA A 68 -14.82 -8.48 -8.19
CA ALA A 68 -14.42 -9.13 -6.96
C ALA A 68 -15.02 -10.51 -6.84
N LYS A 69 -16.24 -10.68 -7.33
CA LYS A 69 -16.90 -11.98 -7.24
C LYS A 69 -16.13 -13.03 -8.01
N LEU A 70 -15.60 -12.67 -9.18
CA LEU A 70 -14.77 -13.64 -9.90
C LEU A 70 -13.39 -13.76 -9.32
N GLN A 71 -12.88 -12.67 -8.73
CA GLN A 71 -11.57 -12.75 -8.12
C GLN A 71 -11.56 -13.77 -6.99
N TRP A 72 -12.67 -13.87 -6.26
CA TRP A 72 -12.71 -14.86 -5.19
C TRP A 72 -12.52 -16.27 -5.73
N PHE A 73 -13.06 -16.55 -6.91
CA PHE A 73 -12.84 -17.87 -7.50
C PHE A 73 -11.43 -18.01 -8.03
N VAL A 74 -10.94 -17.00 -8.74
CA VAL A 74 -9.67 -17.16 -9.42
C VAL A 74 -8.54 -17.30 -8.42
N GLU A 75 -8.65 -16.60 -7.30
CA GLU A 75 -7.58 -16.62 -6.31
C GLU A 75 -7.35 -18.04 -5.79
N ARG A 76 -8.42 -18.76 -5.49
CA ARG A 76 -8.32 -20.07 -4.87
C ARG A 76 -8.17 -21.18 -5.88
N ASN A 77 -7.81 -20.86 -7.11
CA ASN A 77 -7.61 -21.84 -8.18
C ASN A 77 -8.83 -22.73 -8.37
N MET A 78 -10.03 -22.18 -8.14
CA MET A 78 -11.24 -22.92 -8.47
C MET A 78 -11.49 -22.92 -9.96
N VAL A 79 -11.19 -21.82 -10.63
CA VAL A 79 -11.23 -21.76 -12.08
C VAL A 79 -10.00 -21.00 -12.55
N ILE A 80 -9.31 -21.54 -13.54
CA ILE A 80 -8.05 -20.93 -13.96
C ILE A 80 -8.19 -20.44 -15.39
N PRO A 81 -8.60 -19.21 -15.60
CA PRO A 81 -8.78 -18.72 -16.97
C PRO A 81 -7.51 -18.87 -17.78
N GLU A 82 -7.65 -19.31 -19.02
CA GLU A 82 -6.49 -19.54 -19.86
C GLU A 82 -6.92 -19.52 -21.31
N GLY A 83 -5.95 -19.34 -22.20
CA GLY A 83 -6.25 -19.36 -23.61
C GLY A 83 -7.25 -18.29 -23.97
N ARG A 84 -8.26 -18.66 -24.74
CA ARG A 84 -9.32 -17.76 -25.14
C ARG A 84 -10.47 -17.88 -24.15
N VAL A 85 -10.91 -16.74 -23.64
CA VAL A 85 -11.98 -16.69 -22.65
C VAL A 85 -13.24 -16.19 -23.32
N ILE A 86 -14.31 -16.94 -23.20
CA ILE A 86 -15.61 -16.56 -23.73
C ILE A 86 -16.51 -16.27 -22.54
N ASP A 87 -17.00 -15.05 -22.46
CA ASP A 87 -17.88 -14.62 -21.39
C ASP A 87 -19.27 -14.45 -21.95
N LEU A 88 -20.24 -15.16 -21.38
CA LEU A 88 -21.62 -15.10 -21.82
C LEU A 88 -22.43 -14.34 -20.80
N GLY A 89 -23.22 -13.38 -21.26
CA GLY A 89 -23.88 -12.48 -20.34
C GLY A 89 -22.92 -11.55 -19.64
N CYS A 90 -21.94 -11.03 -20.36
CA CYS A 90 -20.91 -10.20 -19.74
C CYS A 90 -21.50 -8.96 -19.10
N GLY A 91 -22.61 -8.45 -19.62
CA GLY A 91 -23.21 -7.29 -19.02
C GLY A 91 -22.29 -6.10 -19.11
N ARG A 92 -22.07 -5.44 -17.98
CA ARG A 92 -21.18 -4.29 -17.97
C ARG A 92 -19.78 -4.68 -18.38
N GLY A 93 -19.31 -5.83 -17.91
CA GLY A 93 -18.04 -6.35 -18.35
C GLY A 93 -17.08 -6.57 -17.21
N GLY A 94 -17.61 -6.71 -16.00
CA GLY A 94 -16.73 -6.89 -14.86
C GLY A 94 -15.87 -8.12 -14.99
N TRP A 95 -16.48 -9.23 -15.36
CA TRP A 95 -15.73 -10.47 -15.44
C TRP A 95 -14.73 -10.44 -16.58
N SER A 96 -15.13 -9.89 -17.73
CA SER A 96 -14.21 -9.85 -18.85
C SER A 96 -13.02 -8.98 -18.55
N TYR A 97 -13.25 -7.81 -17.95
CA TYR A 97 -12.14 -6.92 -17.68
C TYR A 97 -11.23 -7.49 -16.60
N TYR A 98 -11.79 -8.17 -15.61
CA TYR A 98 -10.91 -8.83 -14.64
C TYR A 98 -10.08 -9.90 -15.31
N CYS A 99 -10.70 -10.72 -16.17
CA CYS A 99 -9.95 -11.81 -16.79
C CYS A 99 -8.93 -11.32 -17.78
N ALA A 100 -9.08 -10.10 -18.30
CA ALA A 100 -8.06 -9.60 -19.20
C ALA A 100 -6.72 -9.39 -18.52
N GLY A 101 -6.68 -9.43 -17.21
CA GLY A 101 -5.44 -9.18 -16.50
C GLY A 101 -4.92 -10.39 -15.78
N LEU A 102 -4.97 -11.54 -16.41
CA LEU A 102 -4.41 -12.75 -15.85
C LEU A 102 -3.31 -13.28 -16.77
N LYS A 103 -2.59 -14.29 -16.29
CA LYS A 103 -1.36 -14.68 -16.96
C LYS A 103 -1.64 -15.36 -18.28
N LYS A 104 -2.34 -16.49 -18.25
CA LYS A 104 -2.46 -17.32 -19.44
C LYS A 104 -3.46 -16.76 -20.46
N VAL A 105 -4.38 -15.91 -20.03
CA VAL A 105 -5.41 -15.41 -20.93
C VAL A 105 -4.78 -14.68 -22.10
N THR A 106 -5.35 -14.88 -23.30
CA THR A 106 -4.84 -14.19 -24.48
C THR A 106 -5.90 -13.48 -25.30
N GLU A 107 -7.18 -13.76 -25.10
CA GLU A 107 -8.25 -13.06 -25.83
C GLU A 107 -9.56 -13.28 -25.09
N VAL A 108 -10.31 -12.21 -24.88
CA VAL A 108 -11.59 -12.26 -24.19
C VAL A 108 -12.67 -11.72 -25.11
N ARG A 109 -13.71 -12.53 -25.31
CA ARG A 109 -14.88 -12.12 -26.09
C ARG A 109 -16.09 -12.19 -25.17
N GLY A 110 -16.77 -11.06 -24.99
CA GLY A 110 -17.94 -10.98 -24.14
C GLY A 110 -19.18 -10.76 -24.98
N TYR A 111 -20.26 -11.45 -24.63
CA TYR A 111 -21.51 -11.37 -25.34
C TYR A 111 -22.62 -11.01 -24.36
N THR A 112 -23.56 -10.20 -24.81
CA THR A 112 -24.68 -9.83 -23.97
C THR A 112 -25.84 -9.38 -24.83
N LYS A 113 -27.04 -9.42 -24.26
CA LYS A 113 -28.22 -8.95 -24.96
C LYS A 113 -28.21 -7.43 -25.08
N GLY A 114 -28.21 -6.74 -23.96
CA GLY A 114 -28.15 -5.29 -23.95
C GLY A 114 -29.48 -4.66 -24.31
N GLY A 115 -29.49 -3.34 -24.29
CA GLY A 115 -30.64 -2.59 -24.70
C GLY A 115 -31.53 -2.14 -23.56
N PRO A 116 -32.84 -2.09 -23.82
CA PRO A 116 -33.76 -1.56 -22.82
C PRO A 116 -33.86 -2.50 -21.62
N GLY A 117 -33.71 -1.93 -20.43
CA GLY A 117 -33.77 -2.71 -19.21
C GLY A 117 -32.61 -3.63 -18.98
N HIS A 118 -31.52 -3.48 -19.72
CA HIS A 118 -30.35 -4.33 -19.58
C HIS A 118 -29.10 -3.46 -19.52
N GLU A 119 -28.04 -4.06 -18.99
CA GLU A 119 -26.77 -3.34 -18.91
C GLU A 119 -26.04 -3.40 -20.25
N GLU A 120 -25.15 -2.46 -20.44
CA GLU A 120 -24.37 -2.37 -21.66
C GLU A 120 -22.90 -2.27 -21.32
N PRO A 121 -22.03 -2.75 -22.21
CA PRO A 121 -20.60 -2.70 -21.92
C PRO A 121 -20.12 -1.28 -21.69
N VAL A 122 -19.22 -1.12 -20.72
CA VAL A 122 -18.62 0.17 -20.42
C VAL A 122 -17.20 0.15 -20.94
N PRO A 123 -16.94 0.62 -22.16
CA PRO A 123 -15.57 0.55 -22.70
C PRO A 123 -14.59 1.29 -21.81
N MET A 124 -13.65 0.55 -21.24
CA MET A 124 -12.65 1.10 -20.33
C MET A 124 -11.27 0.69 -20.81
N SER A 125 -10.26 1.14 -20.09
CA SER A 125 -8.88 0.89 -20.47
C SER A 125 -8.08 0.34 -19.31
N THR A 126 -8.68 -0.50 -18.48
CA THR A 126 -7.92 -1.18 -17.46
C THR A 126 -6.92 -2.13 -18.12
N TYR A 127 -6.04 -2.70 -17.30
CA TYR A 127 -4.95 -3.49 -17.84
C TYR A 127 -5.49 -4.62 -18.68
N GLY A 128 -5.12 -4.64 -19.95
CA GLY A 128 -5.55 -5.69 -20.84
C GLY A 128 -6.69 -5.33 -21.76
N TRP A 129 -7.11 -4.07 -21.78
CA TRP A 129 -8.25 -3.72 -22.61
C TRP A 129 -7.99 -3.94 -24.08
N ASN A 130 -6.74 -3.96 -24.51
CA ASN A 130 -6.47 -4.09 -25.93
C ASN A 130 -6.74 -5.49 -26.46
N ILE A 131 -7.05 -6.46 -25.60
CA ILE A 131 -7.34 -7.82 -26.05
C ILE A 131 -8.78 -8.21 -25.79
N VAL A 132 -9.64 -7.26 -25.42
CA VAL A 132 -11.01 -7.53 -25.03
C VAL A 132 -11.94 -7.01 -26.11
N LYS A 133 -12.85 -7.86 -26.58
CA LYS A 133 -13.89 -7.45 -27.51
C LYS A 133 -15.24 -7.79 -26.91
N LEU A 134 -16.11 -6.79 -26.76
CA LEU A 134 -17.43 -6.98 -26.20
C LEU A 134 -18.47 -6.64 -27.25
N MET A 135 -19.44 -7.52 -27.44
CA MET A 135 -20.45 -7.37 -28.46
C MET A 135 -21.81 -7.25 -27.79
N SER A 136 -22.60 -6.27 -28.21
CA SER A 136 -23.95 -6.09 -27.72
C SER A 136 -24.96 -6.58 -28.74
N GLY A 137 -26.23 -6.58 -28.36
CA GLY A 137 -27.27 -6.97 -29.27
C GLY A 137 -27.15 -8.39 -29.75
N LYS A 138 -26.57 -9.27 -28.93
CA LYS A 138 -26.46 -10.68 -29.26
C LYS A 138 -26.94 -11.49 -28.08
N ASP A 139 -28.10 -12.13 -28.22
CA ASP A 139 -28.56 -13.07 -27.21
C ASP A 139 -27.80 -14.38 -27.38
N VAL A 140 -27.25 -14.87 -26.27
CA VAL A 140 -26.39 -16.02 -26.33
C VAL A 140 -27.16 -17.29 -26.62
N PHE A 141 -28.46 -17.30 -26.36
CA PHE A 141 -29.21 -18.53 -26.50
C PHE A 141 -29.22 -19.01 -27.95
N TYR A 142 -29.33 -18.09 -28.89
CA TYR A 142 -29.19 -18.44 -30.30
C TYR A 142 -27.78 -18.07 -30.78
N LEU A 143 -26.81 -18.85 -30.30
CA LEU A 143 -25.43 -18.66 -30.72
C LEU A 143 -24.85 -19.97 -31.23
N PRO A 144 -24.06 -19.91 -32.29
CA PRO A 144 -23.38 -21.11 -32.79
C PRO A 144 -22.10 -21.40 -32.01
N PRO A 145 -22.18 -22.19 -30.95
CA PRO A 145 -21.07 -22.26 -29.99
C PRO A 145 -19.75 -22.58 -30.65
N GLU A 146 -18.71 -21.87 -30.22
CA GLU A 146 -17.36 -21.97 -30.75
C GLU A 146 -16.46 -22.71 -29.76
N LYS A 147 -15.18 -22.78 -30.09
CA LYS A 147 -14.20 -23.43 -29.23
C LYS A 147 -13.62 -22.39 -28.28
N CYS A 148 -13.76 -22.64 -26.99
CA CYS A 148 -13.28 -21.73 -25.97
C CYS A 148 -12.39 -22.50 -25.01
N ASP A 149 -11.31 -21.86 -24.57
CA ASP A 149 -10.46 -22.48 -23.57
C ASP A 149 -10.96 -22.20 -22.16
N THR A 150 -11.57 -21.05 -21.93
CA THR A 150 -12.25 -20.78 -20.67
C THR A 150 -13.64 -20.27 -20.99
N LEU A 151 -14.62 -20.71 -20.21
CA LEU A 151 -16.01 -20.33 -20.45
C LEU A 151 -16.61 -19.82 -19.15
N LEU A 152 -16.91 -18.53 -19.10
CA LEU A 152 -17.55 -17.91 -17.96
C LEU A 152 -18.97 -17.56 -18.34
N CYS A 153 -19.92 -17.88 -17.48
CA CYS A 153 -21.30 -17.55 -17.75
C CYS A 153 -21.95 -17.01 -16.49
N ASP A 154 -22.53 -15.83 -16.58
CA ASP A 154 -23.11 -15.14 -15.44
C ASP A 154 -24.52 -14.66 -15.78
N ILE A 155 -25.33 -15.56 -16.31
CA ILE A 155 -26.70 -15.22 -16.69
C ILE A 155 -27.65 -15.75 -15.63
N GLY A 156 -28.69 -14.98 -15.35
CA GLY A 156 -29.68 -15.36 -14.35
C GLY A 156 -30.55 -14.18 -13.94
N GLU A 157 -31.83 -14.42 -13.71
CA GLU A 157 -32.77 -13.38 -13.29
C GLU A 157 -33.60 -13.91 -12.13
N SER A 158 -33.41 -13.34 -10.95
CA SER A 158 -34.08 -13.83 -9.76
C SER A 158 -35.53 -13.35 -9.72
N SER A 159 -36.44 -14.26 -9.39
CA SER A 159 -37.85 -13.96 -9.26
C SER A 159 -38.39 -14.61 -8.01
N PRO A 160 -39.41 -14.03 -7.39
CA PRO A 160 -40.03 -14.70 -6.23
C PRO A 160 -40.57 -16.07 -6.54
N SER A 161 -40.98 -16.31 -7.77
CA SER A 161 -41.52 -17.61 -8.13
C SER A 161 -40.39 -18.62 -8.26
N PRO A 162 -40.41 -19.71 -7.48
CA PRO A 162 -39.34 -20.70 -7.61
C PRO A 162 -39.42 -21.52 -8.88
N THR A 163 -40.62 -21.86 -9.35
CA THR A 163 -40.72 -22.65 -10.56
C THR A 163 -40.19 -21.89 -11.77
N VAL A 164 -40.44 -20.58 -11.83
CA VAL A 164 -39.93 -19.78 -12.93
C VAL A 164 -38.41 -19.81 -12.93
N GLU A 165 -37.80 -19.64 -11.76
CA GLU A 165 -36.35 -19.71 -11.67
C GLU A 165 -35.85 -21.08 -12.05
N GLU A 166 -36.59 -22.13 -11.69
CA GLU A 166 -36.21 -23.48 -12.05
C GLU A 166 -36.16 -23.63 -13.57
N SER A 167 -37.21 -23.19 -14.25
CA SER A 167 -37.25 -23.29 -15.71
C SER A 167 -36.15 -22.46 -16.34
N ARG A 168 -35.91 -21.25 -15.80
CA ARG A 168 -34.83 -20.43 -16.31
C ARG A 168 -33.50 -21.13 -16.17
N THR A 169 -33.27 -21.75 -15.02
CA THR A 169 -32.02 -22.47 -14.78
C THR A 169 -31.85 -23.60 -15.76
N ILE A 170 -32.92 -24.35 -16.01
CA ILE A 170 -32.82 -25.45 -16.97
C ILE A 170 -32.48 -24.90 -18.35
N ARG A 171 -33.09 -23.77 -18.71
CA ARG A 171 -32.79 -23.16 -20.00
C ARG A 171 -31.32 -22.80 -20.10
N VAL A 172 -30.79 -22.20 -19.04
CA VAL A 172 -29.39 -21.78 -19.05
C VAL A 172 -28.48 -22.98 -19.20
N LEU A 173 -28.75 -24.04 -18.43
CA LEU A 173 -27.91 -25.22 -18.49
C LEU A 173 -27.95 -25.86 -19.87
N LYS A 174 -29.14 -25.96 -20.46
CA LYS A 174 -29.25 -26.54 -21.79
C LYS A 174 -28.47 -25.72 -22.80
N MET A 175 -28.55 -24.39 -22.70
CA MET A 175 -27.81 -23.54 -23.62
C MET A 175 -26.31 -23.71 -23.45
N VAL A 176 -25.85 -23.79 -22.20
CA VAL A 176 -24.42 -23.75 -21.95
C VAL A 176 -23.75 -25.08 -22.19
N GLU A 177 -24.49 -26.18 -22.19
CA GLU A 177 -23.85 -27.50 -22.34
C GLU A 177 -23.02 -27.61 -23.62
N PRO A 178 -23.49 -27.25 -24.81
CA PRO A 178 -22.69 -27.48 -26.02
C PRO A 178 -21.38 -26.73 -26.04
N TRP A 179 -21.12 -25.86 -25.06
CA TRP A 179 -19.84 -25.16 -25.04
C TRP A 179 -18.75 -25.98 -24.36
N LEU A 180 -19.10 -26.69 -23.30
CA LEU A 180 -18.10 -27.36 -22.46
C LEU A 180 -17.49 -28.52 -23.23
N LYS A 181 -16.31 -28.30 -23.80
CA LYS A 181 -15.53 -29.37 -24.41
C LYS A 181 -14.17 -29.37 -23.72
N ASN A 182 -14.13 -30.02 -22.56
CA ASN A 182 -12.91 -30.16 -21.76
C ASN A 182 -12.15 -28.84 -21.66
N ASN A 183 -12.79 -27.87 -21.01
CA ASN A 183 -12.18 -26.57 -20.80
C ASN A 183 -12.59 -26.02 -19.45
N GLN A 184 -11.75 -25.16 -18.90
CA GLN A 184 -12.09 -24.50 -17.64
C GLN A 184 -13.37 -23.70 -17.78
N PHE A 185 -14.24 -23.79 -16.78
CA PHE A 185 -15.51 -23.10 -16.87
C PHE A 185 -15.94 -22.63 -15.50
N CYS A 186 -16.81 -21.61 -15.51
CA CYS A 186 -17.46 -21.15 -14.29
C CYS A 186 -18.84 -20.65 -14.72
N ILE A 187 -19.86 -21.46 -14.44
CA ILE A 187 -21.23 -21.16 -14.82
C ILE A 187 -21.99 -20.78 -13.56
N LYS A 188 -22.85 -19.77 -13.65
CA LYS A 188 -23.68 -19.41 -12.52
C LYS A 188 -24.96 -20.23 -12.55
N VAL A 189 -25.33 -20.78 -11.40
CA VAL A 189 -26.60 -21.48 -11.26
C VAL A 189 -27.40 -20.72 -10.22
N LEU A 190 -28.52 -20.14 -10.65
CA LEU A 190 -29.29 -19.29 -9.76
C LEU A 190 -30.07 -20.12 -8.75
N ASN A 191 -30.74 -21.17 -9.21
CA ASN A 191 -31.69 -21.93 -8.40
C ASN A 191 -31.29 -23.39 -8.42
N PRO A 192 -30.39 -23.82 -7.54
CA PRO A 192 -29.89 -25.20 -7.55
C PRO A 192 -30.60 -26.17 -6.62
N TYR A 193 -31.66 -25.77 -5.92
CA TYR A 193 -32.31 -26.64 -4.94
C TYR A 193 -33.59 -27.26 -5.47
N MET A 194 -33.63 -27.60 -6.75
CA MET A 194 -34.82 -28.26 -7.25
C MET A 194 -34.48 -29.62 -7.82
N PRO A 195 -35.31 -30.64 -7.61
CA PRO A 195 -34.92 -32.00 -7.94
C PRO A 195 -34.52 -32.19 -9.39
N THR A 196 -35.23 -31.58 -10.33
CA THR A 196 -34.81 -31.70 -11.71
C THR A 196 -33.56 -30.87 -12.00
N VAL A 197 -33.43 -29.72 -11.35
CA VAL A 197 -32.19 -28.97 -11.45
C VAL A 197 -31.03 -29.81 -10.94
N ILE A 198 -31.22 -30.45 -9.80
CA ILE A 198 -30.15 -31.24 -9.22
C ILE A 198 -29.81 -32.42 -10.12
N GLU A 199 -30.82 -33.09 -10.67
CA GLU A 199 -30.54 -34.20 -11.56
C GLU A 199 -29.78 -33.75 -12.80
N HIS A 200 -30.19 -32.61 -13.36
CA HIS A 200 -29.48 -32.09 -14.52
C HIS A 200 -28.04 -31.75 -14.17
N LEU A 201 -27.83 -31.14 -13.01
CA LEU A 201 -26.48 -30.81 -12.56
C LEU A 201 -25.65 -32.06 -12.40
N GLU A 202 -26.24 -33.11 -11.84
CA GLU A 202 -25.49 -34.34 -11.62
C GLU A 202 -25.12 -35.00 -12.93
N ARG A 203 -26.04 -35.00 -13.91
CA ARG A 203 -25.70 -35.52 -15.22
C ARG A 203 -24.58 -34.71 -15.84
N LEU A 204 -24.65 -33.38 -15.72
CA LEU A 204 -23.59 -32.53 -16.26
C LEU A 204 -22.26 -32.83 -15.60
N GLN A 205 -22.26 -33.00 -14.28
CA GLN A 205 -21.02 -33.27 -13.57
C GLN A 205 -20.44 -34.61 -13.98
N ARG A 206 -21.29 -35.63 -14.11
CA ARG A 206 -20.82 -36.93 -14.58
C ARG A 206 -20.18 -36.80 -15.95
N LYS A 207 -20.76 -35.97 -16.82
CA LYS A 207 -20.18 -35.80 -18.15
C LYS A 207 -18.86 -35.04 -18.10
N HIS A 208 -18.82 -33.91 -17.38
CA HIS A 208 -17.72 -32.96 -17.48
C HIS A 208 -16.91 -32.80 -16.21
N GLY A 209 -17.33 -33.35 -15.10
CA GLY A 209 -16.61 -33.15 -13.88
C GLY A 209 -16.92 -31.79 -13.27
N GLY A 210 -16.09 -31.40 -12.31
CA GLY A 210 -16.28 -30.16 -11.61
C GLY A 210 -17.23 -30.28 -10.45
N MET A 211 -17.27 -29.23 -9.63
CA MET A 211 -18.10 -29.24 -8.43
C MET A 211 -19.01 -28.03 -8.41
N LEU A 212 -19.71 -27.85 -7.29
CA LEU A 212 -20.65 -26.74 -7.11
C LEU A 212 -20.32 -26.05 -5.79
N VAL A 213 -20.09 -24.74 -5.83
CA VAL A 213 -19.62 -24.04 -4.65
C VAL A 213 -20.33 -22.70 -4.50
N ARG A 214 -20.33 -22.17 -3.29
CA ARG A 214 -21.00 -20.92 -3.00
C ARG A 214 -19.98 -19.82 -2.78
N ASN A 215 -20.17 -18.72 -3.48
CA ASN A 215 -19.34 -17.54 -3.30
C ASN A 215 -19.80 -16.76 -2.07
N PRO A 216 -18.88 -16.36 -1.19
CA PRO A 216 -19.28 -15.61 0.00
C PRO A 216 -19.55 -14.14 -0.23
N LEU A 217 -19.25 -13.61 -1.41
CA LEU A 217 -19.63 -12.23 -1.70
C LEU A 217 -21.08 -12.10 -2.14
N SER A 218 -21.75 -13.22 -2.42
CA SER A 218 -23.12 -13.17 -2.86
C SER A 218 -24.05 -12.78 -1.73
N ARG A 219 -25.03 -11.93 -2.03
CA ARG A 219 -25.97 -11.48 -1.02
C ARG A 219 -26.71 -12.65 -0.41
N ASN A 220 -27.28 -12.41 0.77
CA ASN A 220 -27.99 -13.47 1.47
C ASN A 220 -29.35 -13.74 0.90
N SER A 221 -29.93 -12.79 0.17
CA SER A 221 -31.26 -12.98 -0.36
C SER A 221 -31.35 -14.10 -1.39
N THR A 222 -30.24 -14.49 -1.99
CA THR A 222 -30.27 -15.47 -3.06
C THR A 222 -29.53 -16.74 -2.68
N HIS A 223 -30.01 -17.85 -3.21
CA HIS A 223 -29.41 -19.17 -3.01
C HIS A 223 -28.54 -19.54 -4.20
N GLU A 224 -27.91 -18.56 -4.83
CA GLU A 224 -27.13 -18.82 -6.02
C GLU A 224 -25.84 -19.56 -5.68
N MET A 225 -25.39 -20.39 -6.60
CA MET A 225 -24.13 -21.08 -6.48
C MET A 225 -23.46 -21.07 -7.83
N TYR A 226 -22.26 -21.62 -7.91
CA TYR A 226 -21.52 -21.62 -9.17
C TYR A 226 -20.99 -23.02 -9.44
N TRP A 227 -21.19 -23.48 -10.66
CA TRP A 227 -20.66 -24.76 -11.11
C TRP A 227 -19.30 -24.49 -11.74
N ILE A 228 -18.26 -25.10 -11.17
CA ILE A 228 -16.89 -24.77 -11.55
C ILE A 228 -16.13 -26.03 -11.94
N SER A 229 -15.08 -25.84 -12.72
CA SER A 229 -14.37 -26.97 -13.31
C SER A 229 -13.39 -27.60 -12.32
N ASN A 230 -12.44 -26.82 -11.82
CA ASN A 230 -11.41 -27.36 -10.93
C ASN A 230 -12.00 -27.53 -9.55
N GLY A 231 -12.15 -28.77 -9.11
CA GLY A 231 -12.74 -29.04 -7.81
C GLY A 231 -13.82 -30.09 -7.90
N THR A 232 -13.84 -31.04 -6.97
CA THR A 232 -14.81 -32.12 -6.99
C THR A 232 -15.58 -32.15 -5.67
N GLY A 233 -16.73 -32.82 -5.71
CA GLY A 233 -17.56 -32.91 -4.52
C GLY A 233 -18.93 -33.42 -4.88
N ASN A 234 -19.78 -33.46 -3.86
CA ASN A 234 -21.15 -33.93 -3.99
C ASN A 234 -22.11 -32.75 -4.08
N ILE A 235 -22.94 -32.75 -5.12
CA ILE A 235 -23.81 -31.61 -5.37
C ILE A 235 -24.83 -31.46 -4.25
N VAL A 236 -25.51 -32.55 -3.91
CA VAL A 236 -26.63 -32.46 -2.97
C VAL A 236 -26.16 -32.02 -1.61
N SER A 237 -25.03 -32.57 -1.16
CA SER A 237 -24.51 -32.20 0.16
C SER A 237 -24.20 -30.72 0.22
N SER A 238 -23.56 -30.19 -0.82
CA SER A 238 -23.21 -28.77 -0.83
C SER A 238 -24.46 -27.90 -0.90
N VAL A 239 -25.42 -28.29 -1.71
CA VAL A 239 -26.67 -27.52 -1.80
C VAL A 239 -27.34 -27.46 -0.44
N ASN A 240 -27.42 -28.61 0.23
CA ASN A 240 -28.02 -28.64 1.56
C ASN A 240 -27.21 -27.81 2.53
N MET A 241 -25.88 -27.81 2.41
CA MET A 241 -25.06 -27.03 3.30
C MET A 241 -25.37 -25.55 3.16
N VAL A 242 -25.47 -25.07 1.93
CA VAL A 242 -25.80 -23.68 1.70
C VAL A 242 -27.19 -23.38 2.23
N SER A 243 -28.14 -24.27 2.00
CA SER A 243 -29.50 -24.05 2.46
C SER A 243 -29.55 -23.95 3.98
N ARG A 244 -28.83 -24.84 4.67
CA ARG A 244 -28.80 -24.78 6.13
C ARG A 244 -28.12 -23.51 6.61
N LEU A 245 -27.09 -23.06 5.89
CA LEU A 245 -26.45 -21.80 6.27
C LEU A 245 -27.44 -20.65 6.19
N LEU A 246 -28.23 -20.62 5.12
CA LEU A 246 -29.25 -19.58 5.00
C LEU A 246 -30.27 -19.69 6.11
N LEU A 247 -30.71 -20.91 6.41
CA LEU A 247 -31.72 -21.10 7.42
C LEU A 247 -31.23 -20.64 8.78
N ASN A 248 -30.00 -20.98 9.14
CA ASN A 248 -29.49 -20.57 10.43
C ASN A 248 -29.20 -19.08 10.48
N ARG A 249 -28.85 -18.48 9.34
CA ARG A 249 -28.69 -17.04 9.30
C ARG A 249 -30.02 -16.30 9.39
N PHE A 250 -31.13 -16.99 9.05
CA PHE A 250 -32.45 -16.39 9.24
C PHE A 250 -32.61 -15.83 10.64
N THR A 251 -32.52 -16.70 11.65
CA THR A 251 -32.75 -16.30 13.04
C THR A 251 -31.47 -15.91 13.77
N MET A 252 -30.31 -16.05 13.12
CA MET A 252 -29.08 -15.56 13.72
C MET A 252 -29.16 -14.05 13.90
N THR A 253 -28.57 -13.56 14.98
CA THR A 253 -28.60 -12.13 15.26
C THR A 253 -27.94 -11.36 14.13
N TYR A 254 -28.43 -10.16 13.88
CA TYR A 254 -27.86 -9.34 12.81
C TYR A 254 -26.38 -9.12 13.06
N ARG A 255 -25.56 -9.51 12.08
CA ARG A 255 -24.13 -9.25 12.10
C ARG A 255 -23.79 -8.32 10.95
N ARG A 256 -23.06 -7.26 11.25
CA ARG A 256 -22.70 -6.29 10.22
C ARG A 256 -21.87 -6.98 9.14
N PRO A 257 -22.05 -6.61 7.88
CA PRO A 257 -21.33 -7.30 6.80
C PRO A 257 -19.85 -6.94 6.80
N THR A 258 -19.02 -7.96 6.64
CA THR A 258 -17.59 -7.75 6.56
C THR A 258 -17.24 -6.97 5.30
N ILE A 259 -16.23 -6.12 5.40
CA ILE A 259 -15.87 -5.20 4.34
C ILE A 259 -14.55 -5.64 3.72
N GLU A 260 -14.46 -5.54 2.40
CA GLU A 260 -13.26 -5.87 1.64
C GLU A 260 -12.95 -4.75 0.67
N LYS A 261 -11.67 -4.45 0.47
CA LYS A 261 -11.27 -3.38 -0.44
C LYS A 261 -11.52 -3.79 -1.89
N ASP A 262 -11.83 -2.80 -2.72
CA ASP A 262 -12.20 -3.07 -4.09
C ASP A 262 -11.00 -3.52 -4.90
N VAL A 263 -11.29 -4.09 -6.06
CA VAL A 263 -10.26 -4.65 -6.92
C VAL A 263 -9.65 -3.56 -7.79
N ASP A 264 -8.32 -3.46 -7.78
CA ASP A 264 -7.59 -2.56 -8.65
C ASP A 264 -7.22 -3.28 -9.93
N LEU A 265 -7.16 -2.54 -11.03
CA LEU A 265 -6.96 -3.22 -12.31
C LEU A 265 -5.93 -2.53 -13.21
N GLY A 266 -5.06 -1.70 -12.65
CA GLY A 266 -4.00 -1.16 -13.48
C GLY A 266 -4.50 -0.30 -14.62
N ALA A 267 -3.73 -0.28 -15.70
CA ALA A 267 -4.07 0.51 -16.89
C ALA A 267 -3.11 0.13 -18.00
N GLY A 268 -3.35 0.70 -19.17
CA GLY A 268 -2.42 0.58 -20.27
C GLY A 268 -2.59 -0.72 -21.05
N THR A 269 -2.08 -0.71 -22.27
CA THR A 269 -2.16 -1.87 -23.14
C THR A 269 -1.29 -2.99 -22.59
N ARG A 270 -1.71 -4.23 -22.85
CA ARG A 270 -1.00 -5.41 -22.37
C ARG A 270 -0.47 -6.18 -23.57
N HIS A 271 0.83 -6.44 -23.58
CA HIS A 271 1.47 -7.25 -24.61
C HIS A 271 1.98 -8.51 -23.93
N VAL A 272 1.28 -9.63 -24.15
CA VAL A 272 1.66 -10.86 -23.49
C VAL A 272 3.03 -11.33 -23.94
N ASN A 273 3.42 -11.02 -25.17
CA ASN A 273 4.68 -11.51 -25.71
C ASN A 273 5.89 -10.79 -25.14
N ALA A 274 5.70 -9.71 -24.38
CA ALA A 274 6.80 -9.00 -23.76
C ALA A 274 6.82 -9.12 -22.25
N GLU A 275 5.87 -9.82 -21.67
CA GLU A 275 5.76 -9.87 -20.21
C GLU A 275 6.77 -10.81 -19.56
N PRO A 276 6.89 -12.07 -19.99
CA PRO A 276 7.76 -12.99 -19.24
C PRO A 276 9.18 -12.48 -19.18
N GLU A 277 9.81 -12.69 -18.04
CA GLU A 277 11.15 -12.17 -17.78
C GLU A 277 12.19 -13.30 -17.87
N THR A 278 13.31 -13.01 -18.53
CA THR A 278 14.37 -13.98 -18.67
C THR A 278 15.48 -13.65 -17.69
N PRO A 279 15.63 -14.39 -16.60
CA PRO A 279 16.62 -14.02 -15.60
C PRO A 279 18.03 -14.35 -16.03
N ASN A 280 18.99 -13.60 -15.48
CA ASN A 280 20.40 -13.92 -15.62
C ASN A 280 20.71 -15.05 -14.66
N MET A 281 20.49 -16.28 -15.10
CA MET A 281 20.61 -17.41 -14.19
C MET A 281 22.01 -17.54 -13.62
N ASP A 282 23.02 -17.09 -14.34
CA ASP A 282 24.38 -17.20 -13.82
C ASP A 282 24.66 -16.23 -12.69
N VAL A 283 23.75 -15.29 -12.42
CA VAL A 283 23.92 -14.35 -11.33
C VAL A 283 23.21 -14.82 -10.07
N ILE A 284 22.00 -15.36 -10.21
CA ILE A 284 21.19 -15.73 -9.05
C ILE A 284 21.17 -17.23 -8.81
N GLY A 285 21.88 -18.01 -9.62
CA GLY A 285 21.78 -19.45 -9.51
C GLY A 285 22.22 -19.95 -8.15
N GLU A 286 23.25 -19.33 -7.58
CA GLU A 286 23.73 -19.78 -6.29
C GLU A 286 22.68 -19.56 -5.21
N ARG A 287 22.03 -18.41 -5.22
CA ARG A 287 20.98 -18.15 -4.25
C ARG A 287 19.85 -19.15 -4.41
N ILE A 288 19.44 -19.39 -5.65
CA ILE A 288 18.36 -20.34 -5.88
C ILE A 288 18.75 -21.71 -5.38
N ARG A 289 19.99 -22.12 -5.67
CA ARG A 289 20.43 -23.46 -5.30
C ARG A 289 20.49 -23.62 -3.79
N ARG A 290 20.99 -22.62 -3.09
CA ARG A 290 21.02 -22.72 -1.63
C ARG A 290 19.61 -22.81 -1.08
N ILE A 291 18.69 -21.99 -1.61
CA ILE A 291 17.32 -22.05 -1.14
C ILE A 291 16.75 -23.43 -1.37
N LYS A 292 17.06 -24.03 -2.50
CA LYS A 292 16.57 -25.37 -2.81
C LYS A 292 17.15 -26.39 -1.85
N GLU A 293 18.44 -26.29 -1.56
CA GLU A 293 19.08 -27.27 -0.70
C GLU A 293 18.53 -27.20 0.71
N GLU A 294 18.34 -26.00 1.25
CA GLU A 294 17.85 -25.89 2.61
C GLU A 294 16.47 -26.51 2.75
N HIS A 295 15.59 -26.28 1.80
CA HIS A 295 14.27 -26.89 1.78
C HIS A 295 14.23 -27.85 0.61
N SER A 296 14.68 -29.07 0.82
CA SER A 296 14.65 -30.06 -0.25
C SER A 296 13.57 -31.09 -0.07
N SER A 297 12.88 -31.10 1.07
CA SER A 297 11.83 -32.07 1.28
C SER A 297 10.55 -31.71 0.52
N THR A 298 10.29 -30.43 0.28
CA THR A 298 9.03 -29.99 -0.29
C THR A 298 9.17 -29.21 -1.57
N TRP A 299 10.38 -28.97 -2.05
CA TRP A 299 10.58 -28.17 -3.25
C TRP A 299 9.88 -28.81 -4.44
N HIS A 300 9.08 -28.02 -5.15
CA HIS A 300 8.32 -28.53 -6.27
C HIS A 300 7.88 -27.38 -7.16
N TYR A 301 8.14 -27.51 -8.45
CA TYR A 301 7.79 -26.45 -9.39
C TYR A 301 6.28 -26.49 -9.62
N ASP A 302 5.55 -25.75 -8.80
CA ASP A 302 4.13 -25.57 -9.05
C ASP A 302 3.93 -24.85 -10.38
N ASP A 303 2.87 -25.22 -11.09
CA ASP A 303 2.65 -24.67 -12.42
C ASP A 303 1.50 -23.68 -12.47
N GLU A 304 0.70 -23.58 -11.43
CA GLU A 304 -0.39 -22.62 -11.41
C GLU A 304 0.06 -21.23 -10.97
N ASN A 305 1.34 -20.94 -11.07
CA ASN A 305 1.86 -19.68 -10.54
C ASN A 305 1.27 -18.50 -11.28
N PRO A 306 0.81 -17.46 -10.58
CA PRO A 306 0.19 -16.31 -11.25
C PRO A 306 1.13 -15.19 -11.63
N TYR A 307 2.44 -15.40 -11.63
CA TYR A 307 3.37 -14.29 -11.80
C TYR A 307 3.52 -13.99 -13.28
N LYS A 308 3.05 -12.82 -13.70
CA LYS A 308 3.16 -12.42 -15.09
C LYS A 308 4.53 -11.87 -15.40
N THR A 309 4.90 -10.76 -14.75
CA THR A 309 6.10 -10.01 -15.10
C THR A 309 7.33 -10.42 -14.31
N TRP A 310 7.19 -11.23 -13.28
CA TRP A 310 8.35 -11.76 -12.59
C TRP A 310 8.68 -13.14 -13.13
N ALA A 311 9.87 -13.62 -12.78
CA ALA A 311 10.21 -15.00 -13.08
C ALA A 311 9.75 -15.88 -11.95
N TYR A 312 9.64 -17.18 -12.23
CA TYR A 312 9.27 -18.14 -11.20
C TYR A 312 10.32 -19.24 -11.15
N HIS A 313 10.67 -19.65 -9.94
CA HIS A 313 11.71 -20.64 -9.75
C HIS A 313 11.32 -21.82 -8.88
N GLY A 314 10.20 -21.76 -8.18
CA GLY A 314 9.82 -22.87 -7.35
C GLY A 314 9.15 -22.43 -6.07
N SER A 315 8.77 -23.37 -5.23
CA SER A 315 8.09 -23.03 -4.00
C SER A 315 8.23 -24.17 -3.02
N TYR A 316 8.12 -23.85 -1.73
CA TYR A 316 8.22 -24.87 -0.70
C TYR A 316 7.17 -24.65 0.36
N GLU A 317 6.67 -25.75 0.92
CA GLU A 317 5.58 -25.66 1.89
C GLU A 317 6.04 -24.89 3.13
N VAL A 318 5.10 -24.25 3.80
CA VAL A 318 5.44 -23.52 5.02
C VAL A 318 4.17 -23.27 5.80
N LYS A 319 4.32 -23.13 7.11
CA LYS A 319 3.19 -22.76 7.95
C LYS A 319 2.84 -21.30 7.72
N ALA A 320 1.54 -21.01 7.66
CA ALA A 320 1.07 -19.68 7.38
C ALA A 320 1.01 -18.85 8.66
N THR A 321 1.52 -17.63 8.59
CA THR A 321 1.49 -16.71 9.74
C THR A 321 1.23 -15.28 9.30
N MET A 327 -4.15 -5.67 18.15
CA MET A 327 -4.80 -5.71 19.45
C MET A 327 -4.93 -4.30 20.03
N ILE A 328 -6.12 -3.97 20.50
CA ILE A 328 -6.42 -2.61 20.93
C ILE A 328 -5.77 -2.34 22.28
N ASN A 329 -5.11 -1.19 22.38
CA ASN A 329 -4.47 -0.79 23.63
C ASN A 329 -5.56 -0.49 24.67
N GLY A 330 -5.50 -1.19 25.80
CA GLY A 330 -6.56 -1.07 26.77
C GLY A 330 -6.66 0.30 27.39
N VAL A 331 -5.52 0.89 27.76
CA VAL A 331 -5.53 2.16 28.46
C VAL A 331 -6.07 3.26 27.55
N VAL A 332 -5.53 3.36 26.35
CA VAL A 332 -5.95 4.43 25.44
C VAL A 332 -7.42 4.29 25.11
N LYS A 333 -7.86 3.09 24.74
CA LYS A 333 -9.27 2.88 24.45
C LYS A 333 -10.13 3.21 25.66
N LEU A 334 -9.64 2.91 26.85
CA LEU A 334 -10.40 3.24 28.05
C LEU A 334 -10.47 4.73 28.28
N LEU A 335 -9.58 5.52 27.70
CA LEU A 335 -9.60 6.96 27.94
C LEU A 335 -10.03 7.79 26.75
N THR A 336 -10.32 7.19 25.61
CA THR A 336 -10.71 7.97 24.42
C THR A 336 -12.00 7.42 23.83
N LYS A 337 -12.99 7.24 24.69
CA LYS A 337 -14.24 6.61 24.29
C LYS A 337 -14.96 7.28 23.12
N PRO A 338 -15.11 8.61 23.06
CA PRO A 338 -15.99 9.19 22.04
C PRO A 338 -15.71 8.78 20.61
N TRP A 339 -14.53 8.22 20.33
CA TRP A 339 -14.15 7.90 18.97
C TRP A 339 -14.47 6.47 18.59
N ASP A 340 -15.14 5.72 19.48
CA ASP A 340 -15.54 4.36 19.14
C ASP A 340 -16.49 4.32 17.94
N VAL A 341 -17.20 5.40 17.67
CA VAL A 341 -18.17 5.42 16.58
C VAL A 341 -17.59 5.97 15.28
N VAL A 342 -16.49 6.71 15.34
CA VAL A 342 -15.93 7.26 14.11
C VAL A 342 -15.47 6.11 13.21
N PRO A 343 -15.86 6.10 11.93
CA PRO A 343 -15.54 4.92 11.11
C PRO A 343 -14.05 4.69 10.92
N THR A 344 -13.29 5.74 10.59
CA THR A 344 -11.89 5.56 10.26
C THR A 344 -11.08 5.06 11.46
N VAL A 345 -11.43 5.48 12.66
CA VAL A 345 -10.70 5.02 13.84
C VAL A 345 -10.75 3.51 13.94
N THR A 346 -11.93 2.91 13.71
CA THR A 346 -12.03 1.46 13.74
C THR A 346 -11.41 0.84 12.51
N GLN A 347 -11.61 1.47 11.35
CA GLN A 347 -11.12 0.88 10.10
C GLN A 347 -9.61 0.77 10.07
N MET A 348 -8.91 1.67 10.76
CA MET A 348 -7.45 1.53 10.82
C MET A 348 -7.06 0.22 11.50
N ALA A 349 -7.83 -0.21 12.50
CA ALA A 349 -7.43 -1.39 13.26
C ALA A 349 -7.61 -2.67 12.47
N MET A 350 -8.66 -2.75 11.64
CA MET A 350 -9.00 -3.98 10.93
C MET A 350 -7.86 -4.48 10.04
N THR A 353 -2.68 -8.84 6.23
CA THR A 353 -1.39 -9.45 5.93
C THR A 353 -1.53 -10.94 5.63
N THR A 354 -2.77 -11.40 5.55
CA THR A 354 -3.01 -12.79 5.20
C THR A 354 -2.50 -13.05 3.78
N PRO A 355 -2.12 -14.29 3.47
CA PRO A 355 -1.57 -14.55 2.14
C PRO A 355 -2.53 -14.20 1.01
N PHE A 356 -3.83 -14.25 1.24
CA PHE A 356 -4.76 -13.81 0.19
C PHE A 356 -4.65 -12.31 -0.05
N GLY A 357 -4.70 -11.52 1.01
CA GLY A 357 -4.50 -10.09 0.85
C GLY A 357 -3.14 -9.75 0.32
N GLN A 358 -2.12 -10.46 0.80
CA GLN A 358 -0.77 -10.22 0.31
C GLN A 358 -0.67 -10.49 -1.18
N GLN A 359 -1.27 -11.58 -1.64
CA GLN A 359 -1.24 -11.90 -3.06
C GLN A 359 -2.02 -10.89 -3.87
N ARG A 360 -3.15 -10.41 -3.36
CA ARG A 360 -3.88 -9.38 -4.10
C ARG A 360 -3.03 -8.13 -4.25
N VAL A 361 -2.37 -7.73 -3.16
CA VAL A 361 -1.52 -6.55 -3.21
C VAL A 361 -0.39 -6.74 -4.22
N PHE A 362 0.24 -7.92 -4.21
CA PHE A 362 1.29 -8.19 -5.17
C PHE A 362 0.77 -8.13 -6.59
N LYS A 363 -0.40 -8.71 -6.82
CA LYS A 363 -0.90 -8.81 -8.18
C LYS A 363 -1.24 -7.44 -8.75
N GLU A 364 -1.84 -6.58 -7.94
CA GLU A 364 -2.30 -5.32 -8.48
C GLU A 364 -1.33 -4.18 -8.29
N LYS A 365 -0.25 -4.35 -7.55
CA LYS A 365 0.70 -3.27 -7.34
C LYS A 365 2.08 -3.58 -7.88
N VAL A 366 2.66 -4.70 -7.49
CA VAL A 366 4.06 -4.96 -7.80
C VAL A 366 4.25 -5.59 -9.17
N ASP A 367 3.27 -6.33 -9.66
CA ASP A 367 3.48 -7.23 -10.79
C ASP A 367 3.14 -6.55 -12.11
N THR A 368 3.81 -5.45 -12.39
CA THR A 368 3.61 -4.76 -13.66
C THR A 368 4.95 -4.68 -14.39
N ARG A 369 4.95 -3.95 -15.50
CA ARG A 369 6.17 -3.78 -16.29
C ARG A 369 6.10 -2.41 -16.95
N THR A 370 6.89 -1.49 -16.46
CA THR A 370 6.86 -0.12 -16.96
C THR A 370 7.53 -0.04 -18.33
N PRO A 371 6.91 0.60 -19.31
CA PRO A 371 7.50 0.64 -20.65
C PRO A 371 8.87 1.31 -20.62
N LYS A 372 9.72 0.89 -21.54
CA LYS A 372 11.04 1.49 -21.66
C LYS A 372 10.92 2.94 -22.08
N PRO A 373 11.77 3.81 -21.56
CA PRO A 373 11.73 5.21 -21.97
C PRO A 373 12.16 5.39 -23.41
N MET A 374 11.82 6.55 -23.95
CA MET A 374 12.18 6.92 -25.30
C MET A 374 13.69 7.13 -25.43
N PRO A 375 14.23 7.08 -26.64
CA PRO A 375 15.68 7.20 -26.81
C PRO A 375 16.26 8.49 -26.26
N GLY A 376 15.57 9.61 -26.39
CA GLY A 376 16.11 10.84 -25.86
C GLY A 376 15.99 10.96 -24.35
N THR A 377 14.93 10.37 -23.78
CA THR A 377 14.71 10.48 -22.36
C THR A 377 15.81 9.79 -21.58
N ARG A 378 16.28 8.65 -22.05
CA ARG A 378 17.37 8.00 -21.35
C ARG A 378 18.60 8.88 -21.33
N LYS A 379 18.90 9.56 -22.45
CA LYS A 379 20.06 10.43 -22.48
C LYS A 379 19.89 11.59 -21.52
N VAL A 380 18.69 12.18 -21.48
CA VAL A 380 18.45 13.27 -20.55
C VAL A 380 18.64 12.80 -19.11
N MET A 381 18.10 11.63 -18.79
CA MET A 381 18.23 11.12 -17.44
C MET A 381 19.68 10.86 -17.09
N GLU A 382 20.47 10.34 -18.03
CA GLU A 382 21.88 10.10 -17.75
C GLU A 382 22.61 11.40 -17.47
N ILE A 383 22.37 12.41 -18.29
CA ILE A 383 23.05 13.68 -18.09
C ILE A 383 22.69 14.27 -16.73
N THR A 384 21.40 14.27 -16.41
CA THR A 384 20.96 14.84 -15.16
C THR A 384 21.54 14.09 -13.97
N ALA A 385 21.55 12.76 -14.04
CA ALA A 385 22.09 12.00 -12.92
C ALA A 385 23.57 12.27 -12.74
N GLY A 386 24.31 12.36 -13.83
CA GLY A 386 25.73 12.66 -13.71
C GLY A 386 25.96 14.01 -13.06
N TRP A 387 25.25 15.03 -13.52
CA TRP A 387 25.43 16.34 -12.92
C TRP A 387 25.03 16.33 -11.46
N LEU A 388 23.96 15.61 -11.13
CA LEU A 388 23.48 15.65 -9.76
C LEU A 388 24.45 14.93 -8.82
N TRP A 389 25.01 13.81 -9.24
CA TRP A 389 25.99 13.17 -8.39
C TRP A 389 27.26 14.01 -8.27
N ARG A 390 27.65 14.73 -9.32
CA ARG A 390 28.79 15.62 -9.18
C ARG A 390 28.50 16.72 -8.17
N THR A 391 27.29 17.28 -8.21
CA THR A 391 26.96 18.38 -7.31
C THR A 391 26.82 17.89 -5.87
N LEU A 392 26.22 16.73 -5.67
CA LEU A 392 26.09 16.24 -4.30
C LEU A 392 27.44 15.99 -3.67
N GLY A 393 28.45 15.68 -4.46
CA GLY A 393 29.74 15.35 -3.89
C GLY A 393 30.75 16.46 -4.04
N ARG A 394 30.30 17.71 -3.94
CA ARG A 394 31.22 18.82 -4.05
C ARG A 394 32.06 18.96 -2.78
N ASN A 395 31.52 18.55 -1.64
CA ASN A 395 32.25 18.63 -0.40
C ASN A 395 32.57 17.26 0.20
N LYS A 396 31.56 16.42 0.39
CA LYS A 396 31.79 15.15 1.04
C LYS A 396 32.37 14.15 0.06
N ARG A 397 32.94 13.08 0.60
CA ARG A 397 33.44 11.99 -0.21
C ARG A 397 32.88 10.69 0.34
N PRO A 398 32.59 9.73 -0.52
CA PRO A 398 32.05 8.46 -0.02
C PRO A 398 33.10 7.72 0.78
N ARG A 399 32.63 6.91 1.73
CA ARG A 399 33.54 6.15 2.56
C ARG A 399 32.88 4.83 2.92
N LEU A 400 33.70 3.82 3.19
CA LEU A 400 33.18 2.56 3.71
C LEU A 400 32.70 2.76 5.14
N CYS A 401 31.54 2.22 5.45
CA CYS A 401 31.16 2.13 6.85
C CYS A 401 31.92 0.98 7.50
N THR A 402 31.74 0.79 8.79
CA THR A 402 32.51 -0.20 9.52
C THR A 402 31.58 -1.07 10.34
N ARG A 403 32.15 -2.17 10.86
CA ARG A 403 31.37 -3.07 11.69
C ARG A 403 30.91 -2.39 12.96
N GLU A 404 31.78 -1.61 13.60
CA GLU A 404 31.41 -0.98 14.85
C GLU A 404 30.28 0.02 14.67
N GLU A 405 30.24 0.72 13.54
CA GLU A 405 29.14 1.63 13.29
C GLU A 405 27.83 0.87 13.24
N PHE A 406 27.80 -0.24 12.51
CA PHE A 406 26.58 -1.04 12.44
C PHE A 406 26.20 -1.56 13.80
N THR A 407 27.18 -1.99 14.59
CA THR A 407 26.91 -2.48 15.92
C THR A 407 26.28 -1.40 16.77
N LYS A 408 26.85 -0.20 16.73
CA LYS A 408 26.32 0.90 17.53
C LYS A 408 24.91 1.26 17.10
N LYS A 409 24.68 1.30 15.80
CA LYS A 409 23.35 1.64 15.31
C LYS A 409 22.32 0.59 15.71
N VAL A 410 22.71 -0.69 15.74
CA VAL A 410 21.77 -1.70 16.18
C VAL A 410 21.52 -1.60 17.67
N ARG A 411 22.59 -1.40 18.45
CA ARG A 411 22.45 -1.38 19.90
C ARG A 411 21.54 -0.25 20.35
N THR A 412 21.67 0.93 19.74
CA THR A 412 20.81 2.05 20.05
C THR A 412 19.38 1.82 19.61
N ASN A 413 19.12 0.78 18.83
CA ASN A 413 17.79 0.46 18.32
C ASN A 413 17.23 1.59 17.48
N ALA A 414 18.11 2.34 16.83
CA ALA A 414 17.71 3.46 15.98
C ALA A 414 17.06 2.97 14.70
N GLU A 422 11.90 -2.41 10.60
CA GLU A 422 10.49 -2.06 10.73
C GLU A 422 9.70 -3.15 11.46
N GLU A 423 10.16 -3.51 12.65
CA GLU A 423 9.50 -4.52 13.47
C GLU A 423 9.94 -4.31 14.91
N ASN A 424 9.63 -5.28 15.77
CA ASN A 424 10.04 -5.24 17.15
C ASN A 424 11.04 -6.33 17.53
N GLN A 425 11.33 -7.27 16.63
CA GLN A 425 12.28 -8.35 16.90
C GLN A 425 13.72 -7.84 16.80
N TRP A 426 14.04 -6.87 17.64
CA TRP A 426 15.37 -6.29 17.68
C TRP A 426 16.33 -7.03 18.59
N ASP A 427 15.83 -7.65 19.66
CA ASP A 427 16.72 -8.32 20.61
C ASP A 427 17.48 -9.45 19.93
N SER A 428 16.81 -10.20 19.05
CA SER A 428 17.50 -11.22 18.29
C SER A 428 18.57 -10.61 17.40
N ALA A 429 18.29 -9.45 16.81
CA ALA A 429 19.28 -8.79 15.98
C ALA A 429 20.50 -8.39 16.82
N ARG A 430 20.26 -7.85 18.01
CA ARG A 430 21.37 -7.46 18.86
C ARG A 430 22.19 -8.67 19.26
N ALA A 431 21.52 -9.77 19.59
CA ALA A 431 22.26 -10.99 19.92
C ALA A 431 23.09 -11.44 18.73
N ALA A 432 22.53 -11.35 17.53
CA ALA A 432 23.29 -11.74 16.36
C ALA A 432 24.50 -10.85 16.16
N VAL A 433 24.35 -9.55 16.42
CA VAL A 433 25.48 -8.65 16.27
C VAL A 433 26.57 -8.99 17.26
N GLU A 434 26.19 -9.26 18.51
CA GLU A 434 27.19 -9.55 19.53
C GLU A 434 27.78 -10.94 19.40
N ASP A 435 27.16 -11.83 18.61
CA ASP A 435 27.74 -13.15 18.37
C ASP A 435 28.96 -13.03 17.47
N GLU A 436 29.65 -14.15 17.29
CA GLU A 436 30.91 -14.15 16.56
C GLU A 436 30.85 -14.94 15.26
N GLU A 437 30.14 -16.07 15.24
CA GLU A 437 30.00 -16.80 13.98
C GLU A 437 29.25 -15.98 12.95
N PHE A 438 28.40 -15.07 13.39
CA PHE A 438 27.68 -14.19 12.47
C PHE A 438 28.65 -13.40 11.61
N TRP A 439 29.67 -12.83 12.25
CA TRP A 439 30.65 -12.07 11.48
C TRP A 439 31.45 -12.97 10.57
N LYS A 440 31.67 -14.22 10.95
CA LYS A 440 32.32 -15.15 10.02
C LYS A 440 31.46 -15.36 8.78
N LEU A 441 30.15 -15.53 8.96
CA LEU A 441 29.26 -15.66 7.83
C LEU A 441 29.32 -14.42 6.95
N VAL A 442 29.30 -13.25 7.59
CA VAL A 442 29.38 -12.01 6.83
C VAL A 442 30.66 -11.94 6.04
N ASP A 443 31.79 -12.32 6.65
CA ASP A 443 33.06 -12.27 5.95
C ASP A 443 33.08 -13.21 4.76
N ARG A 444 32.54 -14.41 4.94
CA ARG A 444 32.48 -15.34 3.81
C ARG A 444 31.69 -14.72 2.66
N GLU A 445 30.50 -14.19 2.97
CA GLU A 445 29.69 -13.59 1.92
C GLU A 445 30.38 -12.39 1.29
N ARG A 446 31.13 -11.64 2.08
CA ARG A 446 31.80 -10.46 1.55
C ARG A 446 32.92 -10.85 0.61
N GLU A 447 33.66 -11.90 0.94
CA GLU A 447 34.67 -12.39 0.01
C GLU A 447 34.00 -12.86 -1.27
N LEU A 448 32.84 -13.47 -1.16
CA LEU A 448 32.09 -13.83 -2.36
C LEU A 448 31.74 -12.60 -3.17
N HIS A 449 31.29 -11.53 -2.51
CA HIS A 449 30.95 -10.31 -3.22
C HIS A 449 32.16 -9.74 -3.94
N LYS A 450 33.31 -9.72 -3.27
CA LYS A 450 34.52 -9.24 -3.93
C LYS A 450 34.85 -10.08 -5.15
N GLN A 451 34.64 -11.39 -5.06
CA GLN A 451 34.84 -12.23 -6.22
C GLN A 451 33.91 -11.84 -7.36
N GLY A 452 32.63 -11.63 -7.05
CA GLY A 452 31.68 -11.24 -8.06
C GLY A 452 30.43 -12.08 -8.09
N LYS A 453 30.19 -12.85 -7.04
CA LYS A 453 29.02 -13.72 -6.97
C LYS A 453 28.34 -13.47 -5.64
N CYS A 454 27.05 -13.81 -5.58
CA CYS A 454 26.26 -13.59 -4.37
C CYS A 454 25.60 -14.91 -4.01
N GLY A 455 25.75 -15.33 -2.77
CA GLY A 455 25.28 -16.65 -2.39
C GLY A 455 24.04 -16.65 -1.53
N SER A 456 23.96 -15.74 -0.57
CA SER A 456 22.87 -15.79 0.39
C SER A 456 22.27 -14.42 0.64
N CYS A 457 22.15 -13.62 -0.39
CA CYS A 457 21.55 -12.29 -0.30
C CYS A 457 20.17 -12.35 -0.94
N VAL A 458 19.16 -12.66 -0.13
CA VAL A 458 17.79 -12.80 -0.60
C VAL A 458 16.86 -12.31 0.49
N TYR A 459 15.84 -11.53 0.10
CA TYR A 459 15.01 -10.86 1.08
C TYR A 459 13.53 -11.10 0.81
N ASN A 460 12.76 -11.08 1.88
CA ASN A 460 11.36 -11.49 1.86
C ASN A 460 10.47 -10.31 1.47
N MET A 461 9.17 -10.56 1.42
CA MET A 461 8.18 -9.55 1.11
C MET A 461 6.97 -9.69 2.03
N MET A 462 7.20 -10.20 3.24
CA MET A 462 6.11 -10.46 4.17
C MET A 462 5.52 -9.18 4.72
N ARG A 479 17.84 -20.26 12.84
CA ARG A 479 18.32 -18.90 13.03
C ARG A 479 19.42 -18.60 12.04
N ALA A 480 19.78 -19.59 11.23
CA ALA A 480 20.69 -19.33 10.12
C ALA A 480 20.06 -18.37 9.12
N ILE A 481 18.75 -18.49 8.90
CA ILE A 481 18.06 -17.58 8.01
C ILE A 481 18.18 -16.16 8.52
N TRP A 482 17.97 -15.97 9.82
CA TRP A 482 18.11 -14.66 10.41
C TRP A 482 19.50 -14.10 10.17
N TYR A 483 20.53 -14.93 10.35
CA TYR A 483 21.89 -14.43 10.21
C TYR A 483 22.19 -14.09 8.76
N MET A 484 21.70 -14.89 7.82
CA MET A 484 21.94 -14.58 6.42
C MET A 484 21.26 -13.27 6.03
N TRP A 485 20.03 -13.06 6.47
CA TRP A 485 19.35 -11.81 6.12
C TRP A 485 20.04 -10.62 6.75
N LEU A 486 20.36 -10.71 8.05
CA LEU A 486 21.02 -9.59 8.69
C LEU A 486 22.39 -9.33 8.08
N GLY A 487 23.08 -10.37 7.66
CA GLY A 487 24.37 -10.16 7.01
C GLY A 487 24.23 -9.46 5.68
N ALA A 488 23.19 -9.81 4.92
CA ALA A 488 22.95 -9.09 3.68
C ALA A 488 22.70 -7.62 3.95
N ARG A 489 21.88 -7.33 4.96
CA ARG A 489 21.64 -5.94 5.29
C ARG A 489 22.93 -5.25 5.72
N TYR A 490 23.78 -5.95 6.47
CA TYR A 490 25.02 -5.33 6.89
C TYR A 490 25.90 -5.01 5.71
N LEU A 491 26.01 -5.91 4.75
CA LEU A 491 26.86 -5.62 3.60
C LEU A 491 26.33 -4.44 2.83
N GLU A 492 25.01 -4.36 2.67
CA GLU A 492 24.46 -3.20 1.99
C GLU A 492 24.75 -1.93 2.78
N PHE A 493 24.70 -2.01 4.10
CA PHE A 493 25.04 -0.86 4.93
C PHE A 493 26.48 -0.44 4.68
N GLU A 494 27.40 -1.40 4.71
CA GLU A 494 28.80 -1.09 4.55
C GLU A 494 29.06 -0.44 3.21
N ALA A 495 28.38 -0.90 2.17
CA ALA A 495 28.67 -0.34 0.86
C ALA A 495 27.99 1.00 0.63
N LEU A 496 26.75 1.17 1.10
CA LEU A 496 25.95 2.34 0.76
C LEU A 496 25.36 3.00 2.00
N GLY A 497 26.01 2.90 3.14
CA GLY A 497 25.50 3.54 4.32
C GLY A 497 25.99 4.95 4.48
N PHE A 498 27.03 5.32 3.73
CA PHE A 498 27.51 6.68 3.79
C PHE A 498 26.47 7.66 3.30
N LEU A 499 25.47 7.20 2.56
CA LEU A 499 24.41 8.09 2.12
C LEU A 499 23.53 8.54 3.26
N ASN A 500 23.64 7.96 4.43
CA ASN A 500 22.92 8.45 5.59
C ASN A 500 23.85 8.91 6.69
N GLU A 501 24.88 8.13 7.01
CA GLU A 501 25.76 8.45 8.12
C GLU A 501 26.60 9.70 7.85
N ASP A 502 26.66 10.18 6.62
CA ASP A 502 27.29 11.45 6.34
C ASP A 502 26.30 12.49 5.86
N HIS A 503 25.01 12.20 5.97
CA HIS A 503 23.95 13.11 5.58
C HIS A 503 24.20 13.65 4.18
N TRP A 504 24.23 12.74 3.22
CA TRP A 504 24.40 13.18 1.84
C TRP A 504 23.20 13.92 1.33
N PHE A 505 22.04 13.71 1.94
CA PHE A 505 20.81 14.35 1.50
C PHE A 505 20.24 15.28 2.57
N SER A 506 21.09 15.94 3.33
CA SER A 506 20.60 16.96 4.24
C SER A 506 20.23 18.20 3.45
N ARG A 507 19.44 19.07 4.08
CA ARG A 507 18.98 20.25 3.38
C ARG A 507 20.15 21.15 3.03
N GLU A 508 21.16 21.21 3.89
CA GLU A 508 22.29 22.08 3.63
C GLU A 508 23.16 21.57 2.48
N ASN A 509 23.25 20.25 2.32
CA ASN A 509 24.17 19.68 1.36
C ASN A 509 23.54 19.43 0.01
N SER A 510 22.27 19.02 -0.03
CA SER A 510 21.64 18.57 -1.27
C SER A 510 20.77 19.63 -1.92
N TYR A 511 20.45 20.71 -1.21
CA TYR A 511 19.65 21.82 -1.71
C TYR A 511 18.18 21.44 -1.85
N SER A 512 17.85 20.19 -1.74
CA SER A 512 16.44 19.85 -1.81
C SER A 512 15.98 18.91 -0.71
N GLY A 513 16.80 17.97 -0.31
CA GLY A 513 16.36 16.97 0.64
C GLY A 513 16.01 17.56 1.98
N VAL A 514 15.24 16.80 2.74
CA VAL A 514 14.88 17.26 4.08
C VAL A 514 15.28 16.20 5.09
N GLU A 515 16.35 15.50 4.81
CA GLU A 515 16.87 14.58 5.81
C GLU A 515 17.40 15.35 7.00
N GLY A 516 17.22 14.80 8.19
CA GLY A 516 17.77 15.41 9.37
C GLY A 516 16.96 16.56 9.94
N GLU A 517 15.81 16.86 9.37
CA GLU A 517 15.00 17.94 9.93
C GLU A 517 14.07 17.42 11.02
N GLY A 518 13.18 16.50 10.68
CA GLY A 518 12.13 16.10 11.59
C GLY A 518 10.88 16.91 11.37
N LEU A 519 9.81 16.50 12.05
CA LEU A 519 8.52 17.10 11.78
C LEU A 519 8.52 18.58 12.11
N HIS A 520 9.14 18.95 13.20
CA HIS A 520 9.04 20.32 13.65
C HIS A 520 9.86 21.28 12.82
N LYS A 521 10.31 20.89 11.65
CA LYS A 521 11.00 21.80 10.75
C LYS A 521 10.54 21.73 9.32
N LEU A 522 9.85 20.68 8.90
CA LEU A 522 9.36 20.65 7.54
C LEU A 522 8.40 21.81 7.30
N GLY A 523 7.68 22.24 8.33
CA GLY A 523 6.78 23.35 8.15
C GLY A 523 7.51 24.62 7.79
N TYR A 524 8.57 24.93 8.53
CA TYR A 524 9.34 26.11 8.20
C TYR A 524 10.00 25.97 6.85
N ILE A 525 10.39 24.76 6.48
CA ILE A 525 10.98 24.57 5.16
C ILE A 525 9.96 24.89 4.08
N LEU A 526 8.72 24.43 4.25
CA LEU A 526 7.67 24.76 3.29
C LEU A 526 7.43 26.25 3.23
N ARG A 527 7.39 26.92 4.38
CA ARG A 527 7.16 28.35 4.37
C ARG A 527 8.28 29.07 3.64
N ASP A 528 9.53 28.69 3.91
CA ASP A 528 10.64 29.32 3.22
C ASP A 528 10.60 29.05 1.72
N ILE A 529 10.06 27.90 1.32
CA ILE A 529 9.86 27.64 -0.09
C ILE A 529 8.86 28.64 -0.65
N SER A 530 7.75 28.84 0.06
CA SER A 530 6.65 29.61 -0.50
C SER A 530 7.04 31.05 -0.78
N LYS A 531 7.98 31.59 -0.01
CA LYS A 531 8.40 32.97 -0.25
C LYS A 531 9.09 33.12 -1.60
N ILE A 532 9.62 32.06 -2.16
CA ILE A 532 10.34 32.17 -3.43
C ILE A 532 9.35 32.53 -4.53
N PRO A 533 9.67 33.50 -5.39
CA PRO A 533 8.74 33.84 -6.48
C PRO A 533 8.47 32.65 -7.37
N GLY A 534 7.25 32.56 -7.86
CA GLY A 534 6.90 31.47 -8.75
C GLY A 534 5.41 31.17 -8.71
N GLY A 535 5.05 30.09 -9.38
CA GLY A 535 3.65 29.71 -9.51
C GLY A 535 3.10 29.06 -8.28
N ALA A 536 2.30 28.01 -8.46
CA ALA A 536 1.67 27.33 -7.34
C ALA A 536 2.69 26.42 -6.66
N MET A 537 2.22 25.53 -5.80
CA MET A 537 3.08 24.58 -5.12
C MET A 537 2.51 23.19 -5.35
N TYR A 538 3.01 22.47 -6.35
CA TYR A 538 2.43 21.21 -6.78
C TYR A 538 3.05 20.06 -6.00
N ALA A 539 2.23 19.30 -5.31
CA ALA A 539 2.71 18.11 -4.61
C ALA A 539 2.05 16.91 -5.26
N ASP A 540 2.65 16.43 -6.35
CA ASP A 540 2.07 15.33 -7.12
C ASP A 540 2.64 14.02 -6.60
N ASP A 541 1.79 13.23 -5.95
CA ASP A 541 2.22 11.93 -5.48
C ASP A 541 2.36 10.97 -6.65
N THR A 542 3.10 9.89 -6.45
CA THR A 542 3.29 8.88 -7.47
C THR A 542 2.77 7.54 -6.98
N ALA A 543 2.12 6.81 -7.87
CA ALA A 543 1.47 5.56 -7.49
C ALA A 543 2.50 4.46 -7.43
N GLY A 544 2.74 3.93 -6.23
CA GLY A 544 3.70 2.86 -6.08
C GLY A 544 5.07 3.27 -6.57
N TRP A 545 5.74 4.18 -5.85
CA TRP A 545 6.98 4.72 -6.37
C TRP A 545 8.02 3.64 -6.57
N ASP A 546 8.15 2.72 -5.62
CA ASP A 546 9.17 1.69 -5.75
C ASP A 546 8.96 0.88 -7.02
N THR A 547 7.74 0.49 -7.30
CA THR A 547 7.46 -0.40 -8.40
C THR A 547 7.48 0.29 -9.75
N ARG A 548 8.00 1.51 -9.83
CA ARG A 548 8.09 2.21 -11.10
C ARG A 548 9.50 2.69 -11.34
N ILE A 549 10.47 1.85 -11.10
CA ILE A 549 11.87 2.21 -11.27
C ILE A 549 12.38 1.47 -12.50
N THR A 550 12.50 2.18 -13.61
CA THR A 550 13.02 1.59 -14.82
C THR A 550 14.46 1.15 -14.62
N GLU A 551 14.95 0.32 -15.53
CA GLU A 551 16.34 -0.11 -15.44
C GLU A 551 17.29 1.06 -15.52
N ASP A 552 16.94 2.07 -16.31
CA ASP A 552 17.81 3.22 -16.45
C ASP A 552 17.94 3.98 -15.14
N ASP A 553 16.90 3.96 -14.31
CA ASP A 553 17.01 4.63 -13.02
C ASP A 553 18.08 3.96 -12.17
N LEU A 554 18.12 2.64 -12.18
CA LEU A 554 19.17 1.95 -11.43
C LEU A 554 20.53 2.20 -12.05
N HIS A 555 20.61 2.21 -13.38
CA HIS A 555 21.89 2.47 -14.01
C HIS A 555 22.40 3.87 -13.70
N ASN A 556 21.49 4.80 -13.44
CA ASN A 556 21.94 6.14 -13.08
C ASN A 556 22.29 6.23 -11.62
N GLU A 557 21.52 5.58 -10.75
CA GLU A 557 21.88 5.57 -9.34
C GLU A 557 23.19 4.83 -9.12
N GLU A 558 23.62 4.01 -10.07
CA GLU A 558 24.89 3.32 -9.95
C GLU A 558 26.08 4.24 -10.13
N LYS A 559 25.87 5.45 -10.67
CA LYS A 559 26.99 6.30 -11.03
C LYS A 559 27.77 6.79 -9.82
N ILE A 560 27.26 6.62 -8.60
CA ILE A 560 27.99 7.10 -7.45
C ILE A 560 29.29 6.35 -7.30
N THR A 561 29.40 5.14 -7.86
CA THR A 561 30.65 4.41 -7.71
C THR A 561 31.81 5.12 -8.36
N GLN A 562 31.55 6.04 -9.27
CA GLN A 562 32.63 6.72 -9.96
C GLN A 562 33.40 7.63 -9.08
N GLN A 563 33.15 7.69 -7.78
CA GLN A 563 33.86 8.60 -6.91
C GLN A 563 34.53 7.92 -5.73
N MET A 564 34.46 6.61 -5.62
CA MET A 564 35.01 5.91 -4.47
C MET A 564 36.41 5.40 -4.77
N ASP A 565 36.96 4.62 -3.87
CA ASP A 565 38.25 4.01 -4.03
C ASP A 565 38.10 2.52 -4.36
N PRO A 566 39.05 1.95 -5.09
CA PRO A 566 38.80 0.63 -5.72
C PRO A 566 38.42 -0.45 -4.73
N GLU A 567 39.00 -0.46 -3.53
CA GLU A 567 38.59 -1.44 -2.53
C GLU A 567 37.13 -1.26 -2.17
N HIS A 568 36.67 -0.01 -2.10
CA HIS A 568 35.26 0.26 -1.88
C HIS A 568 34.44 0.00 -3.12
N ARG A 569 34.96 0.41 -4.29
CA ARG A 569 34.17 0.31 -5.50
C ARG A 569 33.86 -1.13 -5.84
N GLN A 570 34.76 -2.05 -5.57
CA GLN A 570 34.44 -3.46 -5.83
C GLN A 570 33.19 -3.87 -5.06
N LEU A 571 33.15 -3.57 -3.77
CA LEU A 571 32.01 -3.97 -2.96
C LEU A 571 30.74 -3.25 -3.40
N ALA A 572 30.85 -1.97 -3.71
CA ALA A 572 29.65 -1.24 -4.10
C ALA A 572 29.12 -1.74 -5.44
N ASN A 573 29.99 -1.98 -6.40
CA ASN A 573 29.54 -2.54 -7.66
C ASN A 573 28.92 -3.91 -7.45
N ALA A 574 29.49 -4.70 -6.55
CA ALA A 574 28.90 -5.99 -6.24
C ALA A 574 27.47 -5.81 -5.78
N ILE A 575 27.25 -4.90 -4.83
CA ILE A 575 25.90 -4.68 -4.34
C ILE A 575 24.98 -4.23 -5.47
N PHE A 576 25.41 -3.23 -6.23
CA PHE A 576 24.55 -2.65 -7.25
C PHE A 576 24.18 -3.68 -8.30
N LYS A 577 25.15 -4.44 -8.80
CA LYS A 577 24.92 -5.31 -9.93
C LYS A 577 24.54 -6.72 -9.54
N LEU A 578 24.48 -7.05 -8.26
CA LEU A 578 24.13 -8.40 -7.87
C LEU A 578 23.01 -8.49 -6.86
N THR A 579 22.61 -7.40 -6.22
CA THR A 579 21.42 -7.48 -5.38
C THR A 579 20.51 -6.27 -5.50
N TYR A 580 20.78 -5.36 -6.43
CA TYR A 580 19.83 -4.33 -6.81
C TYR A 580 19.28 -4.53 -8.19
N GLN A 581 20.11 -4.89 -9.15
CA GLN A 581 19.64 -5.13 -10.51
C GLN A 581 19.33 -6.59 -10.77
N ASN A 582 19.50 -7.48 -9.80
CA ASN A 582 19.07 -8.86 -9.96
C ASN A 582 18.64 -9.34 -8.57
N LYS A 583 17.36 -9.19 -8.28
CA LYS A 583 16.87 -9.43 -6.93
C LYS A 583 16.06 -10.72 -6.91
N VAL A 584 16.25 -11.48 -5.84
CA VAL A 584 15.55 -12.73 -5.60
C VAL A 584 14.71 -12.55 -4.36
N VAL A 585 13.42 -12.83 -4.47
CA VAL A 585 12.44 -12.49 -3.44
C VAL A 585 11.69 -13.75 -3.07
N LYS A 586 11.40 -13.91 -1.78
CA LYS A 586 10.47 -14.92 -1.32
C LYS A 586 9.11 -14.27 -1.09
N VAL A 587 8.04 -15.03 -1.30
CA VAL A 587 6.72 -14.47 -1.05
C VAL A 587 5.74 -15.60 -0.77
N GLN A 588 4.90 -15.43 0.24
CA GLN A 588 3.94 -16.48 0.56
C GLN A 588 2.83 -16.53 -0.48
N ARG A 589 2.14 -17.65 -0.52
CA ARG A 589 1.00 -17.80 -1.42
C ARG A 589 0.13 -18.95 -0.97
N PRO A 590 -1.17 -18.77 -0.86
CA PRO A 590 -2.04 -19.87 -0.45
C PRO A 590 -2.52 -20.68 -1.64
N THR A 591 -2.67 -21.97 -1.40
CA THR A 591 -3.09 -22.95 -2.39
C THR A 591 -3.96 -23.97 -1.69
N PRO A 592 -4.77 -24.72 -2.44
CA PRO A 592 -5.67 -25.70 -1.81
C PRO A 592 -4.98 -26.65 -0.84
N LYS A 593 -3.67 -26.77 -0.94
CA LYS A 593 -2.92 -27.68 -0.08
C LYS A 593 -2.00 -26.91 0.86
N GLY A 594 -2.50 -25.84 1.46
CA GLY A 594 -1.74 -25.07 2.42
C GLY A 594 -1.08 -23.86 1.82
N THR A 595 -0.05 -23.37 2.51
CA THR A 595 0.68 -22.19 2.09
C THR A 595 2.06 -22.58 1.60
N VAL A 596 2.46 -22.04 0.46
CA VAL A 596 3.78 -22.29 -0.11
C VAL A 596 4.49 -20.97 -0.31
N MET A 597 5.77 -20.94 0.01
CA MET A 597 6.61 -19.77 -0.26
C MET A 597 7.18 -19.92 -1.65
N ASP A 598 6.82 -19.00 -2.53
CA ASP A 598 7.38 -18.92 -3.86
C ASP A 598 8.72 -18.20 -3.82
N ILE A 599 9.61 -18.59 -4.72
CA ILE A 599 10.87 -17.90 -4.93
C ILE A 599 10.82 -17.29 -6.32
N ILE A 600 10.86 -15.97 -6.42
CA ILE A 600 10.76 -15.27 -7.70
C ILE A 600 11.95 -14.36 -7.83
N SER A 601 12.10 -13.75 -9.00
CA SER A 601 13.23 -12.87 -9.23
C SER A 601 12.86 -11.82 -10.26
N ARG A 602 13.58 -10.71 -10.23
CA ARG A 602 13.32 -9.63 -11.17
C ARG A 602 14.53 -8.72 -11.22
N LYS A 603 14.51 -7.78 -12.16
CA LYS A 603 15.65 -6.90 -12.36
C LYS A 603 15.36 -5.43 -12.12
N ASP A 604 14.12 -4.98 -12.25
CA ASP A 604 13.73 -3.63 -11.96
C ASP A 604 13.19 -3.54 -10.52
N GLN A 605 12.47 -2.48 -10.21
CA GLN A 605 11.59 -2.45 -9.04
C GLN A 605 12.37 -2.60 -7.73
N ARG A 606 13.08 -1.53 -7.40
CA ARG A 606 13.76 -1.41 -6.12
C ARG A 606 12.94 -1.98 -4.98
N GLY A 607 13.50 -2.96 -4.28
CA GLY A 607 12.78 -3.56 -3.16
C GLY A 607 12.70 -2.58 -2.00
N SER A 608 11.54 -2.56 -1.36
CA SER A 608 11.25 -1.52 -0.38
C SER A 608 11.97 -1.68 0.94
N GLY A 609 12.66 -2.80 1.16
CA GLY A 609 13.25 -3.05 2.46
C GLY A 609 14.76 -3.15 2.47
N GLN A 610 15.43 -2.29 1.71
CA GLN A 610 16.87 -2.32 1.57
C GLN A 610 17.50 -1.08 2.18
N VAL A 611 18.73 -1.23 2.67
CA VAL A 611 19.49 -0.07 3.10
C VAL A 611 19.79 0.77 1.87
N GLY A 612 19.72 2.09 2.02
CA GLY A 612 19.92 2.93 0.88
C GLY A 612 18.71 3.06 -0.02
N THR A 613 17.57 2.53 0.40
CA THR A 613 16.34 2.80 -0.34
C THR A 613 15.97 4.27 -0.26
N TYR A 614 16.06 4.86 0.92
CA TYR A 614 15.67 6.26 1.08
C TYR A 614 16.59 7.16 0.25
N GLY A 615 17.89 6.94 0.32
CA GLY A 615 18.79 7.81 -0.40
C GLY A 615 18.60 7.74 -1.90
N LEU A 616 18.51 6.54 -2.43
CA LEU A 616 18.38 6.42 -3.87
C LEU A 616 17.00 6.87 -4.34
N ASN A 617 15.96 6.62 -3.54
CA ASN A 617 14.65 7.14 -3.90
C ASN A 617 14.66 8.66 -3.96
N THR A 618 15.28 9.29 -2.98
CA THR A 618 15.36 10.75 -2.99
C THR A 618 16.14 11.23 -4.20
N PHE A 619 17.21 10.55 -4.54
CA PHE A 619 17.98 10.99 -5.70
C PHE A 619 17.15 10.90 -6.97
N THR A 620 16.48 9.77 -7.16
CA THR A 620 15.68 9.62 -8.38
C THR A 620 14.57 10.65 -8.43
N ASN A 621 13.94 10.91 -7.29
CA ASN A 621 12.87 11.90 -7.27
C ASN A 621 13.42 13.29 -7.59
N MET A 622 14.60 13.62 -7.06
CA MET A 622 15.18 14.92 -7.36
C MET A 622 15.43 15.07 -8.84
N GLU A 623 16.04 14.07 -9.46
CA GLU A 623 16.29 14.24 -10.88
C GLU A 623 15.00 14.22 -11.68
N ALA A 624 13.98 13.49 -11.21
CA ALA A 624 12.73 13.45 -11.96
C ALA A 624 12.04 14.80 -11.94
N GLN A 625 11.91 15.40 -10.77
CA GLN A 625 11.30 16.72 -10.72
C GLN A 625 12.17 17.75 -11.42
N LEU A 626 13.49 17.57 -11.42
CA LEU A 626 14.32 18.46 -12.21
C LEU A 626 13.99 18.38 -13.68
N ILE A 627 13.82 17.18 -14.20
CA ILE A 627 13.47 17.03 -15.61
C ILE A 627 12.09 17.62 -15.87
N ARG A 628 11.15 17.43 -14.95
CA ARG A 628 9.83 17.99 -15.15
C ARG A 628 9.87 19.51 -15.20
N GLN A 629 10.66 20.13 -14.33
CA GLN A 629 10.83 21.58 -14.42
C GLN A 629 11.51 21.96 -15.71
N MET A 630 12.47 21.16 -16.16
CA MET A 630 13.13 21.45 -17.43
C MET A 630 12.12 21.53 -18.55
N GLU A 631 11.23 20.54 -18.63
CA GLU A 631 10.21 20.60 -19.68
C GLU A 631 9.28 21.78 -19.45
N GLY A 632 8.92 22.04 -18.19
CA GLY A 632 8.02 23.13 -17.91
C GLY A 632 8.55 24.48 -18.33
N GLU A 633 9.87 24.64 -18.42
CA GLU A 633 10.48 25.88 -18.84
C GLU A 633 10.81 25.89 -20.31
N GLY A 634 10.42 24.86 -21.05
CA GLY A 634 10.53 24.87 -22.48
C GLY A 634 11.82 24.33 -23.04
N VAL A 635 12.82 24.03 -22.20
CA VAL A 635 14.07 23.50 -22.71
C VAL A 635 13.90 22.11 -23.30
N LEU A 636 12.85 21.39 -22.92
CA LEU A 636 12.68 20.01 -23.34
C LEU A 636 11.28 19.86 -23.94
N SER A 637 11.20 19.47 -25.21
CA SER A 637 9.95 19.35 -25.93
C SER A 637 9.69 17.89 -26.27
N LYS A 638 8.64 17.65 -27.04
CA LYS A 638 8.40 16.29 -27.51
C LYS A 638 9.45 15.88 -28.52
N THR A 639 9.81 16.78 -29.45
CA THR A 639 10.82 16.48 -30.44
C THR A 639 12.16 16.18 -29.78
N ASP A 640 12.51 16.93 -28.75
CA ASP A 640 13.73 16.64 -28.02
C ASP A 640 13.67 15.26 -27.36
N LEU A 641 12.51 14.91 -26.81
CA LEU A 641 12.37 13.60 -26.19
C LEU A 641 12.45 12.47 -27.18
N GLU A 642 12.11 12.71 -28.45
CA GLU A 642 11.99 11.59 -29.37
C GLU A 642 13.27 11.29 -30.14
N ASN A 643 14.07 12.29 -30.50
CA ASN A 643 15.22 12.01 -31.34
C ASN A 643 16.23 11.15 -30.59
N PRO A 644 16.85 10.18 -31.25
CA PRO A 644 17.76 9.28 -30.53
C PRO A 644 18.91 10.00 -29.89
N HIS A 645 19.39 11.07 -30.51
CA HIS A 645 20.57 11.80 -30.05
C HIS A 645 20.23 13.27 -29.98
N LEU A 646 19.66 13.70 -28.85
CA LEU A 646 19.46 15.11 -28.59
C LEU A 646 20.78 15.72 -28.12
N LEU A 647 21.13 16.86 -28.72
CA LEU A 647 22.38 17.52 -28.36
C LEU A 647 22.36 17.92 -26.90
N GLU A 648 23.44 17.61 -26.20
CA GLU A 648 23.48 17.79 -24.75
C GLU A 648 24.08 19.11 -24.32
N LYS A 649 24.49 19.96 -25.25
CA LYS A 649 25.00 21.26 -24.84
C LYS A 649 23.90 22.12 -24.25
N LYS A 650 22.68 22.02 -24.78
CA LYS A 650 21.58 22.80 -24.26
C LYS A 650 21.26 22.41 -22.82
N ILE A 651 21.11 21.10 -22.57
CA ILE A 651 20.81 20.64 -21.23
C ILE A 651 21.97 20.91 -20.28
N THR A 652 23.20 20.75 -20.76
CA THR A 652 24.36 21.01 -19.92
C THR A 652 24.38 22.47 -19.49
N GLN A 653 24.12 23.38 -20.42
CA GLN A 653 24.12 24.79 -20.07
C GLN A 653 22.99 25.12 -19.10
N TRP A 654 21.80 24.58 -19.36
CA TRP A 654 20.69 24.88 -18.46
C TRP A 654 20.98 24.40 -17.05
N LEU A 655 21.52 23.19 -16.92
CA LEU A 655 21.87 22.69 -15.60
C LEU A 655 22.95 23.55 -14.97
N GLU A 656 24.05 23.75 -15.66
CA GLU A 656 25.18 24.47 -15.09
C GLU A 656 24.80 25.88 -14.66
N THR A 657 23.82 26.49 -15.33
CA THR A 657 23.45 27.85 -14.97
C THR A 657 22.38 27.91 -13.89
N LYS A 658 21.36 27.05 -13.93
CA LYS A 658 20.21 27.25 -13.06
C LYS A 658 19.84 26.04 -12.21
N GLY A 659 20.66 24.99 -12.19
CA GLY A 659 20.27 23.79 -11.50
C GLY A 659 20.21 23.97 -10.00
N VAL A 660 21.18 24.68 -9.44
CA VAL A 660 21.17 24.88 -8.01
C VAL A 660 19.97 25.72 -7.60
N GLU A 661 19.67 26.75 -8.39
CA GLU A 661 18.51 27.58 -8.07
C GLU A 661 17.23 26.76 -8.14
N ARG A 662 17.05 26.00 -9.23
CA ARG A 662 15.84 25.19 -9.34
C ARG A 662 15.82 24.06 -8.34
N LEU A 663 16.95 23.73 -7.74
CA LEU A 663 16.94 22.72 -6.71
C LEU A 663 16.50 23.28 -5.38
N LYS A 664 16.48 24.60 -5.22
CA LYS A 664 16.04 25.21 -3.99
C LYS A 664 14.54 25.43 -3.96
N ARG A 665 13.85 25.18 -5.06
CA ARG A 665 12.41 25.33 -5.11
C ARG A 665 11.70 24.03 -4.78
N MET A 666 12.33 23.12 -4.06
CA MET A 666 11.76 21.79 -3.89
C MET A 666 11.98 21.31 -2.46
N ALA A 667 11.17 20.35 -2.06
CA ALA A 667 11.39 19.62 -0.83
C ALA A 667 11.08 18.17 -1.12
N ILE A 668 12.07 17.31 -0.97
CA ILE A 668 11.99 15.93 -1.44
C ILE A 668 12.29 14.99 -0.29
N SER A 669 11.56 13.90 -0.20
CA SER A 669 11.90 12.86 0.76
C SER A 669 11.27 11.58 0.27
N GLY A 670 12.10 10.66 -0.20
CA GLY A 670 11.55 9.46 -0.80
C GLY A 670 10.72 9.81 -2.01
N ASP A 671 9.49 9.35 -2.02
CA ASP A 671 8.59 9.67 -3.12
C ASP A 671 7.77 10.92 -2.87
N ASP A 672 7.88 11.53 -1.70
CA ASP A 672 7.10 12.72 -1.39
C ASP A 672 7.85 13.93 -1.92
N CYS A 673 7.19 14.73 -2.74
CA CYS A 673 7.83 15.89 -3.32
C CYS A 673 6.92 17.10 -3.19
N VAL A 674 7.53 18.27 -3.10
CA VAL A 674 6.82 19.54 -3.23
C VAL A 674 7.69 20.43 -4.10
N VAL A 675 7.10 21.05 -5.12
CA VAL A 675 7.88 21.80 -6.10
C VAL A 675 7.19 23.11 -6.39
N LYS A 676 7.97 24.17 -6.52
CA LYS A 676 7.43 25.51 -6.81
C LYS A 676 8.15 26.07 -8.01
N PRO A 677 7.68 25.77 -9.19
CA PRO A 677 8.38 26.22 -10.40
C PRO A 677 8.29 27.71 -10.59
N ILE A 678 8.84 28.24 -11.69
CA ILE A 678 8.76 29.68 -11.91
C ILE A 678 7.39 30.08 -12.42
N ASP A 679 6.85 29.37 -13.41
CA ASP A 679 5.54 29.67 -13.95
C ASP A 679 4.72 28.38 -14.01
N ASP A 680 3.43 28.53 -14.27
CA ASP A 680 2.51 27.41 -14.19
C ASP A 680 2.44 26.61 -15.48
N ARG A 681 3.45 26.69 -16.35
CA ARG A 681 3.54 25.70 -17.41
C ARG A 681 3.94 24.34 -16.85
N PHE A 682 4.49 24.32 -15.64
CA PHE A 682 4.89 23.06 -15.01
C PHE A 682 3.72 22.10 -14.93
N ALA A 683 2.50 22.61 -14.77
CA ALA A 683 1.37 21.73 -14.64
C ALA A 683 1.05 20.99 -15.93
N ASN A 684 1.67 21.34 -17.04
CA ASN A 684 1.40 20.68 -18.32
C ASN A 684 2.65 20.07 -18.92
N ALA A 685 3.70 19.92 -18.13
CA ALA A 685 4.92 19.25 -18.60
C ALA A 685 4.90 17.79 -18.23
N LEU A 686 3.93 17.06 -18.79
CA LEU A 686 3.71 15.68 -18.41
C LEU A 686 4.36 14.69 -19.35
N LEU A 687 4.92 15.14 -20.48
CA LEU A 687 5.58 14.21 -21.39
C LEU A 687 6.76 13.54 -20.70
N ALA A 688 7.66 14.33 -20.15
CA ALA A 688 8.84 13.76 -19.52
C ALA A 688 8.48 12.92 -18.31
N LEU A 689 7.54 13.40 -17.50
CA LEU A 689 7.17 12.65 -16.32
C LEU A 689 6.57 11.30 -16.68
N ASN A 690 5.59 11.31 -17.57
CA ASN A 690 4.95 10.04 -17.90
C ASN A 690 5.87 9.11 -18.66
N ASP A 691 6.74 9.67 -19.50
CA ASP A 691 7.61 8.81 -20.30
C ASP A 691 8.59 8.04 -19.43
N MET A 692 9.11 8.67 -18.38
CA MET A 692 10.00 7.98 -17.47
C MET A 692 9.29 6.91 -16.66
N GLY A 693 7.97 6.87 -16.70
CA GLY A 693 7.22 5.84 -16.02
C GLY A 693 6.70 6.22 -14.67
N LYS A 694 6.79 7.48 -14.28
CA LYS A 694 6.30 7.94 -12.99
C LYS A 694 4.92 8.53 -13.22
N VAL A 695 3.90 7.70 -13.06
CA VAL A 695 2.52 8.12 -13.29
C VAL A 695 1.91 8.58 -11.97
N ARG A 696 1.25 9.72 -12.00
CA ARG A 696 0.68 10.29 -10.78
C ARG A 696 -0.49 9.44 -10.30
N LYS A 697 -0.87 9.63 -9.05
CA LYS A 697 -1.87 8.80 -8.40
C LYS A 697 -3.21 9.51 -8.33
N ASP A 698 -4.29 8.80 -8.67
CA ASP A 698 -5.65 9.30 -8.60
C ASP A 698 -5.83 10.56 -9.44
N ILE A 699 -5.51 10.44 -10.71
CA ILE A 699 -5.70 11.52 -11.67
C ILE A 699 -5.46 10.94 -13.06
N PRO A 700 -6.27 11.29 -14.05
CA PRO A 700 -6.05 10.77 -15.40
C PRO A 700 -4.66 11.11 -15.91
N GLN A 701 -4.17 10.27 -16.81
CA GLN A 701 -2.77 10.33 -17.17
C GLN A 701 -2.38 11.63 -17.87
N TRP A 702 -3.33 12.45 -18.29
CA TRP A 702 -2.98 13.69 -18.97
C TRP A 702 -3.72 14.91 -18.45
N GLN A 703 -4.53 14.79 -17.42
CA GLN A 703 -5.16 15.96 -16.83
C GLN A 703 -4.10 16.79 -16.12
N PRO A 704 -4.01 18.08 -16.40
CA PRO A 704 -2.95 18.89 -15.81
C PRO A 704 -3.03 18.90 -14.30
N SER A 705 -1.87 19.03 -13.67
CA SER A 705 -1.79 18.95 -12.22
C SER A 705 -2.46 20.15 -11.55
N LYS A 706 -3.02 19.90 -10.38
CA LYS A 706 -3.67 20.94 -9.59
C LYS A 706 -2.72 21.36 -8.49
N GLY A 707 -2.41 22.64 -8.43
CA GLY A 707 -1.45 23.16 -7.47
C GLY A 707 -2.13 24.12 -6.49
N TRP A 708 -1.68 24.06 -5.24
CA TRP A 708 -2.22 24.94 -4.22
C TRP A 708 -1.53 26.29 -4.25
N HIS A 709 -2.16 27.28 -3.63
CA HIS A 709 -1.55 28.59 -3.39
C HIS A 709 -1.28 28.87 -1.94
N ASP A 710 -2.10 28.36 -1.04
CA ASP A 710 -1.90 28.51 0.39
C ASP A 710 -1.02 27.37 0.86
N TRP A 711 0.24 27.68 1.19
CA TRP A 711 1.16 26.63 1.58
C TRP A 711 0.69 25.89 2.81
N GLN A 712 -0.23 26.47 3.56
CA GLN A 712 -0.73 25.76 4.73
C GLN A 712 -1.63 24.61 4.37
N GLN A 713 -1.80 24.31 3.09
CA GLN A 713 -2.61 23.17 2.69
C GLN A 713 -1.85 22.12 1.91
N VAL A 714 -0.63 22.39 1.48
CA VAL A 714 0.14 21.46 0.66
C VAL A 714 0.50 20.27 1.52
N PRO A 715 0.11 19.05 1.15
CA PRO A 715 0.48 17.90 1.95
C PRO A 715 1.93 17.55 1.74
N PHE A 716 2.53 16.96 2.76
CA PHE A 716 3.94 16.60 2.69
C PHE A 716 4.21 15.59 3.79
N CYS A 717 4.69 14.41 3.45
CA CYS A 717 4.93 13.36 4.43
C CYS A 717 3.66 13.04 5.20
N SER A 718 2.52 13.12 4.51
CA SER A 718 1.20 12.83 5.06
C SER A 718 0.77 13.81 6.14
N HIS A 719 1.38 14.99 6.19
CA HIS A 719 0.96 16.06 7.07
C HIS A 719 0.66 17.29 6.24
N HIS A 720 -0.05 18.24 6.84
CA HIS A 720 -0.06 19.60 6.35
C HIS A 720 0.35 20.49 7.50
N PHE A 721 0.53 21.77 7.27
CA PHE A 721 1.17 22.59 8.28
C PHE A 721 0.39 23.87 8.51
N HIS A 722 0.22 24.24 9.78
CA HIS A 722 -0.56 25.40 10.18
C HIS A 722 0.35 26.45 10.80
N GLU A 723 0.07 27.71 10.54
CA GLU A 723 0.88 28.81 11.08
C GLU A 723 0.13 29.49 12.21
N LEU A 724 0.55 29.22 13.45
CA LEU A 724 -0.12 29.74 14.62
C LEU A 724 0.52 31.04 15.07
N ILE A 725 -0.24 31.81 15.84
CA ILE A 725 0.26 33.03 16.47
C ILE A 725 0.04 32.91 17.96
N MET A 726 1.11 33.13 18.73
CA MET A 726 1.02 33.05 20.17
C MET A 726 0.55 34.39 20.73
N LYS A 727 0.41 34.45 22.05
CA LYS A 727 0.08 35.72 22.69
C LYS A 727 1.21 36.73 22.55
N ASP A 728 2.45 36.27 22.56
CA ASP A 728 3.58 37.17 22.36
C ASP A 728 3.62 37.74 20.95
N GLY A 729 2.82 37.21 20.03
CA GLY A 729 2.88 37.65 18.65
C GLY A 729 3.96 37.01 17.82
N ARG A 730 4.68 36.03 18.36
CA ARG A 730 5.69 35.30 17.60
C ARG A 730 5.06 34.02 17.06
N LYS A 731 5.26 33.77 15.77
CA LYS A 731 4.52 32.75 15.06
C LYS A 731 5.19 31.39 15.16
N LEU A 732 4.37 30.36 15.34
CA LEU A 732 4.80 28.98 15.26
C LEU A 732 4.32 28.37 13.95
N VAL A 733 4.94 27.27 13.57
CA VAL A 733 4.47 26.47 12.44
C VAL A 733 4.45 25.03 12.90
N VAL A 734 3.29 24.39 12.80
CA VAL A 734 3.12 23.09 13.41
C VAL A 734 2.59 22.08 12.40
N PRO A 735 2.85 20.80 12.58
CA PRO A 735 2.27 19.78 11.73
C PRO A 735 0.83 19.51 12.11
N CYS A 736 0.10 18.88 11.21
CA CYS A 736 -1.27 18.52 11.51
C CYS A 736 -1.73 17.47 10.51
N ARG A 737 -2.69 16.66 10.93
CA ARG A 737 -3.25 15.63 10.07
C ARG A 737 -4.63 15.29 10.59
N PRO A 738 -5.49 14.76 9.75
CA PRO A 738 -6.82 14.37 10.23
C PRO A 738 -6.74 13.51 11.47
N GLN A 739 -7.25 14.02 12.58
CA GLN A 739 -6.93 13.42 13.87
C GLN A 739 -7.51 12.04 14.07
N ASP A 740 -8.45 11.62 13.21
CA ASP A 740 -8.87 10.23 13.23
C ASP A 740 -7.66 9.32 13.09
N GLU A 741 -6.73 9.67 12.20
CA GLU A 741 -5.55 8.84 12.00
C GLU A 741 -4.71 8.80 13.27
N LEU A 742 -4.54 9.94 13.94
CA LEU A 742 -3.73 9.95 15.14
C LEU A 742 -4.35 9.07 16.22
N ILE A 743 -5.65 9.21 16.44
CA ILE A 743 -6.28 8.41 17.48
C ILE A 743 -6.23 6.93 17.12
N GLY A 744 -6.52 6.60 15.87
CA GLY A 744 -6.43 5.23 15.43
C GLY A 744 -5.06 4.68 15.77
N ARG A 745 -4.03 5.30 15.20
CA ARG A 745 -2.68 4.80 15.42
C ARG A 745 -2.34 4.73 16.89
N ALA A 746 -3.01 5.51 17.73
CA ALA A 746 -2.79 5.35 19.15
C ALA A 746 -3.47 4.12 19.70
N ARG A 747 -4.55 3.66 19.07
CA ARG A 747 -5.31 2.54 19.60
C ARG A 747 -4.92 1.19 18.98
N ILE A 748 -3.75 1.09 18.37
CA ILE A 748 -3.37 -0.12 17.65
C ILE A 748 -2.06 -0.66 18.22
N SER A 749 -1.90 -0.59 19.54
CA SER A 749 -0.70 -1.12 20.16
C SER A 749 -0.31 -2.45 19.56
N GLN A 750 0.86 -2.48 18.93
CA GLN A 750 1.24 -3.55 18.00
C GLN A 750 2.44 -4.29 18.57
N GLY A 751 2.18 -5.45 19.16
CA GLY A 751 3.26 -6.27 19.68
C GLY A 751 4.07 -5.61 20.76
N ALA A 752 3.53 -4.58 21.39
CA ALA A 752 4.22 -3.92 22.50
C ALA A 752 4.26 -4.75 23.72
N GLY A 753 3.83 -6.00 23.61
CA GLY A 753 3.75 -6.89 24.74
C GLY A 753 2.43 -6.70 25.44
N TRP A 754 1.76 -7.81 25.75
CA TRP A 754 0.48 -7.72 26.45
C TRP A 754 0.64 -7.18 27.84
N SER A 755 1.87 -7.11 28.35
CA SER A 755 2.10 -6.63 29.69
C SER A 755 1.47 -5.26 29.89
N LEU A 756 0.65 -5.15 30.93
CA LEU A 756 0.07 -3.86 31.27
C LEU A 756 1.17 -2.83 31.52
N LYS A 757 2.26 -3.26 32.17
CA LYS A 757 3.41 -2.38 32.37
C LYS A 757 3.94 -1.87 31.04
N GLU A 758 3.73 -2.60 29.95
CA GLU A 758 4.23 -2.16 28.65
C GLU A 758 3.18 -1.40 27.86
N THR A 759 1.92 -1.84 27.87
CA THR A 759 0.90 -1.09 27.16
C THR A 759 0.71 0.29 27.75
N ALA A 760 0.77 0.40 29.08
CA ALA A 760 0.67 1.70 29.71
C ALA A 760 1.81 2.60 29.27
N CYS A 761 3.03 2.07 29.23
CA CYS A 761 4.15 2.90 28.83
C CYS A 761 4.03 3.30 27.36
N LEU A 762 3.56 2.40 26.51
CA LEU A 762 3.37 2.80 25.12
C LEU A 762 2.33 3.91 25.01
N GLY A 763 1.24 3.79 25.77
CA GLY A 763 0.25 4.85 25.76
C GLY A 763 0.83 6.16 26.23
N LYS A 764 1.67 6.11 27.26
CA LYS A 764 2.31 7.33 27.75
C LYS A 764 3.20 7.93 26.67
N ALA A 765 3.90 7.09 25.94
CA ALA A 765 4.73 7.59 24.84
C ALA A 765 3.87 8.28 23.80
N TYR A 766 2.76 7.65 23.43
CA TYR A 766 1.88 8.28 22.44
C TYR A 766 1.37 9.61 22.96
N ALA A 767 0.98 9.66 24.23
CA ALA A 767 0.46 10.90 24.77
C ALA A 767 1.51 11.99 24.75
N GLN A 768 2.74 11.65 25.12
CA GLN A 768 3.75 12.68 25.13
C GLN A 768 4.07 13.14 23.71
N MET A 769 4.02 12.24 22.74
CA MET A 769 4.17 12.67 21.36
C MET A 769 3.07 13.63 20.99
N TRP A 770 1.83 13.35 21.41
CA TRP A 770 0.73 14.23 21.11
C TRP A 770 0.95 15.60 21.72
N ALA A 771 1.39 15.63 22.98
CA ALA A 771 1.63 16.91 23.63
C ALA A 771 2.80 17.64 23.01
N LEU A 772 3.71 16.93 22.37
CA LEU A 772 4.91 17.58 21.89
C LEU A 772 4.81 18.04 20.44
N MET A 773 4.13 17.29 19.59
CA MET A 773 4.00 17.65 18.20
C MET A 773 2.62 18.10 17.80
N TYR A 774 1.57 17.59 18.44
CA TYR A 774 0.22 17.99 18.08
C TYR A 774 -0.48 18.63 19.27
N PHE A 775 0.21 19.54 19.94
CA PHE A 775 -0.35 20.20 21.11
C PHE A 775 -1.49 21.13 20.75
N HIS A 776 -1.63 21.49 19.50
CA HIS A 776 -2.55 22.53 19.09
C HIS A 776 -3.92 22.01 18.74
N ARG A 777 -4.18 20.73 18.92
CA ARG A 777 -5.49 20.17 18.70
C ARG A 777 -6.15 19.95 20.06
N ARG A 778 -7.34 20.52 20.24
CA ARG A 778 -7.95 20.53 21.55
C ARG A 778 -8.18 19.12 22.07
N ASP A 779 -8.76 18.26 21.24
CA ASP A 779 -8.97 16.89 21.65
C ASP A 779 -7.66 16.22 22.01
N LEU A 780 -6.64 16.42 21.18
CA LEU A 780 -5.38 15.74 21.43
C LEU A 780 -4.74 16.23 22.72
N ARG A 781 -4.74 17.53 22.98
CA ARG A 781 -4.10 17.99 24.19
C ARG A 781 -4.87 17.52 25.41
N LEU A 782 -6.20 17.54 25.35
CA LEU A 782 -6.98 17.05 26.48
C LEU A 782 -6.72 15.58 26.74
N ALA A 783 -6.77 14.76 25.69
CA ALA A 783 -6.54 13.34 25.88
C ALA A 783 -5.11 13.07 26.32
N SER A 784 -4.16 13.82 25.82
CA SER A 784 -2.78 13.66 26.25
C SER A 784 -2.63 13.95 27.72
N ASN A 785 -3.22 15.04 28.19
CA ASN A 785 -3.15 15.32 29.61
C ASN A 785 -3.79 14.22 30.42
N ALA A 786 -4.94 13.72 29.95
CA ALA A 786 -5.61 12.64 30.67
C ALA A 786 -4.71 11.43 30.79
N ILE A 787 -4.15 10.98 29.66
CA ILE A 787 -3.34 9.78 29.68
C ILE A 787 -2.12 9.97 30.55
N CYS A 788 -1.42 11.10 30.39
CA CYS A 788 -0.25 11.33 31.20
C CYS A 788 -0.58 11.47 32.68
N SER A 789 -1.84 11.73 33.01
CA SER A 789 -2.25 11.77 34.41
C SER A 789 -2.68 10.42 34.93
N ALA A 790 -2.93 9.44 34.07
CA ALA A 790 -3.40 8.13 34.49
C ALA A 790 -2.34 7.06 34.30
N VAL A 791 -1.08 7.43 34.37
CA VAL A 791 0.03 6.49 34.25
C VAL A 791 1.10 6.92 35.26
N PRO A 792 1.68 6.00 36.02
CA PRO A 792 2.62 6.39 37.06
C PRO A 792 3.77 7.21 36.49
N VAL A 793 4.19 8.22 37.25
CA VAL A 793 5.18 9.14 36.71
C VAL A 793 6.56 8.52 36.59
N HIS A 794 6.85 7.48 37.36
CA HIS A 794 8.18 6.91 37.31
C HIS A 794 8.39 5.96 36.15
N TRP A 795 7.32 5.52 35.48
CA TRP A 795 7.50 4.58 34.39
C TRP A 795 8.08 5.28 33.17
N VAL A 796 8.93 4.57 32.46
CA VAL A 796 9.65 5.11 31.30
C VAL A 796 8.94 4.65 30.04
N PRO A 797 8.66 5.54 29.10
CA PRO A 797 8.07 5.10 27.83
C PRO A 797 9.06 4.27 27.03
N THR A 798 8.53 3.30 26.30
CA THR A 798 9.33 2.47 25.40
C THR A 798 8.51 2.23 24.16
N SER A 799 8.94 1.29 23.33
CA SER A 799 8.13 0.79 22.22
C SER A 799 7.76 1.93 21.26
N ARG A 800 8.77 2.39 20.54
CA ARG A 800 8.67 3.59 19.72
C ARG A 800 7.35 3.73 18.99
N THR A 801 6.88 4.98 18.85
CA THR A 801 5.53 5.25 18.39
C THR A 801 5.40 5.27 16.88
N THR A 802 6.36 5.85 16.18
CA THR A 802 6.25 5.95 14.73
C THR A 802 7.54 5.52 14.07
N TRP A 803 7.44 5.09 12.82
CA TRP A 803 8.57 4.60 12.06
C TRP A 803 9.08 5.58 11.03
N SER A 804 8.45 6.74 10.91
CA SER A 804 8.84 7.67 9.87
C SER A 804 10.25 8.19 10.12
N ILE A 805 10.97 8.44 9.03
CA ILE A 805 12.31 9.00 9.14
C ILE A 805 12.28 10.37 9.76
N HIS A 806 11.10 10.99 9.81
CA HIS A 806 10.96 12.37 10.24
C HIS A 806 10.53 12.49 11.69
N ALA A 807 11.00 11.62 12.56
CA ALA A 807 10.68 11.73 13.97
C ALA A 807 11.96 11.51 14.76
N HIS A 808 12.44 12.55 15.42
CA HIS A 808 13.62 12.41 16.26
C HIS A 808 13.28 11.92 17.66
N HIS A 809 12.00 11.73 17.97
CA HIS A 809 11.58 11.02 19.17
C HIS A 809 11.98 11.75 20.45
N GLN A 810 11.79 13.07 20.46
CA GLN A 810 12.08 13.81 21.68
C GLN A 810 11.15 13.45 22.82
N TRP A 811 9.97 12.92 22.52
CA TRP A 811 9.01 12.64 23.57
C TRP A 811 9.39 11.43 24.41
N MET A 812 10.41 10.68 24.01
CA MET A 812 10.77 9.46 24.74
C MET A 812 11.68 9.76 25.92
N THR A 813 11.27 10.65 26.80
CA THR A 813 12.00 10.94 28.02
C THR A 813 11.02 10.96 29.19
N THR A 814 11.56 11.22 30.38
CA THR A 814 10.75 11.45 31.58
C THR A 814 11.22 12.79 32.13
N GLU A 815 10.62 13.86 31.63
CA GLU A 815 10.99 15.21 32.03
C GLU A 815 9.73 16.06 32.01
N ASP A 816 9.82 17.23 32.64
CA ASP A 816 8.72 18.17 32.59
C ASP A 816 8.44 18.48 31.14
N MET A 817 7.30 18.01 30.63
CA MET A 817 7.04 18.13 29.20
C MET A 817 7.06 19.58 28.75
N LEU A 818 6.78 20.51 29.65
CA LEU A 818 6.90 21.90 29.29
C LEU A 818 8.34 22.26 28.92
N THR A 819 9.31 21.74 29.68
CA THR A 819 10.70 22.04 29.37
C THR A 819 11.10 21.48 28.02
N VAL A 820 10.69 20.24 27.73
CA VAL A 820 11.01 19.65 26.44
C VAL A 820 10.34 20.43 25.33
N TRP A 821 9.11 20.87 25.54
CA TRP A 821 8.45 21.69 24.55
C TRP A 821 9.24 22.95 24.29
N ASN A 822 9.74 23.58 25.35
CA ASN A 822 10.53 24.79 25.17
C ASN A 822 11.78 24.50 24.37
N ARG A 823 12.49 23.42 24.69
CA ARG A 823 13.71 23.09 23.99
C ARG A 823 13.43 22.82 22.52
N VAL A 824 12.35 22.11 22.24
CA VAL A 824 12.05 21.73 20.86
C VAL A 824 11.63 22.91 20.03
N TRP A 825 10.77 23.78 20.57
CA TRP A 825 10.14 24.79 19.75
C TRP A 825 10.70 26.19 19.94
N ILE A 826 11.34 26.49 21.07
CA ILE A 826 11.83 27.83 21.37
C ILE A 826 13.35 27.92 21.26
N GLU A 827 14.07 27.17 22.09
CA GLU A 827 15.52 27.29 22.12
C GLU A 827 16.14 26.77 20.85
N ASP A 828 15.92 25.50 20.52
CA ASP A 828 16.60 24.85 19.42
C ASP A 828 15.88 25.04 18.10
N ASN A 829 15.17 26.13 17.93
CA ASN A 829 14.43 26.37 16.71
C ASN A 829 15.08 27.49 15.93
N PRO A 830 15.73 27.21 14.81
CA PRO A 830 16.42 28.29 14.09
C PRO A 830 15.52 29.40 13.63
N TRP A 831 14.22 29.17 13.55
CA TRP A 831 13.29 30.16 13.01
C TRP A 831 12.56 30.94 14.10
N MET A 832 13.07 30.93 15.31
CA MET A 832 12.49 31.71 16.41
C MET A 832 13.57 32.63 16.95
N GLU A 833 13.54 33.90 16.54
CA GLU A 833 14.60 34.81 16.95
C GLU A 833 14.53 35.14 18.43
N ASP A 834 13.33 35.40 18.94
CA ASP A 834 13.17 35.73 20.35
C ASP A 834 13.05 34.44 21.15
N LYS A 835 14.05 34.16 21.98
CA LYS A 835 14.12 32.89 22.71
C LYS A 835 13.51 32.99 24.10
N THR A 836 12.55 33.86 24.30
CA THR A 836 11.92 33.99 25.60
C THR A 836 11.12 32.74 25.91
N PRO A 837 11.38 32.07 27.03
CA PRO A 837 10.72 30.78 27.29
C PRO A 837 9.24 30.97 27.56
N VAL A 838 8.52 29.86 27.41
CA VAL A 838 7.10 29.79 27.72
C VAL A 838 6.95 29.14 29.09
N THR A 839 6.17 29.75 29.96
CA THR A 839 6.18 29.41 31.37
C THR A 839 5.08 28.45 31.80
N THR A 840 4.01 28.30 31.04
CA THR A 840 2.92 27.43 31.44
C THR A 840 2.17 26.96 30.21
N TRP A 841 1.36 25.92 30.39
CA TRP A 841 0.64 25.36 29.26
C TRP A 841 -0.57 26.20 28.93
N GLU A 842 -0.41 27.51 28.87
CA GLU A 842 -1.53 28.38 28.50
C GLU A 842 -1.05 29.37 27.46
N ASP A 843 0.22 29.70 27.49
CA ASP A 843 0.77 30.49 26.40
C ASP A 843 0.97 29.66 25.15
N VAL A 844 1.02 28.34 25.29
CA VAL A 844 1.12 27.44 24.14
C VAL A 844 -0.15 27.57 23.30
N PRO A 845 -0.04 27.94 22.06
CA PRO A 845 -1.23 28.36 21.31
C PRO A 845 -2.17 27.22 20.97
N TYR A 846 -3.22 27.54 20.21
CA TYR A 846 -4.21 26.58 19.78
C TYR A 846 -4.62 26.89 18.35
N LEU A 847 -5.09 25.88 17.64
CA LEU A 847 -5.66 26.11 16.34
C LEU A 847 -6.98 26.84 16.48
N GLY A 848 -7.31 27.66 15.49
CA GLY A 848 -8.63 28.27 15.47
C GLY A 848 -9.72 27.21 15.40
N LYS A 849 -10.86 27.52 16.02
CA LYS A 849 -11.93 26.53 16.08
C LYS A 849 -12.34 26.06 14.70
N ARG A 850 -12.34 26.97 13.72
CA ARG A 850 -12.74 26.59 12.38
C ARG A 850 -11.79 25.55 11.81
N GLU A 851 -10.48 25.84 11.84
CA GLU A 851 -9.53 24.88 11.31
C GLU A 851 -9.49 23.62 12.14
N ASP A 852 -9.67 23.73 13.45
CA ASP A 852 -9.65 22.55 14.29
C ASP A 852 -10.79 21.61 13.94
N GLN A 853 -12.00 22.16 13.76
CA GLN A 853 -13.10 21.32 13.30
C GLN A 853 -12.84 20.79 11.90
N TRP A 854 -12.29 21.62 11.02
CA TRP A 854 -12.13 21.20 9.64
C TRP A 854 -11.16 20.03 9.52
N CYS A 855 -10.17 19.96 10.39
CA CYS A 855 -9.22 18.86 10.39
C CYS A 855 -9.70 17.70 11.25
N GLY A 856 -11.00 17.54 11.41
CA GLY A 856 -11.55 16.34 11.99
C GLY A 856 -11.71 16.33 13.49
N SER A 857 -11.83 17.48 14.13
CA SER A 857 -12.01 17.46 15.57
C SER A 857 -13.44 17.07 15.92
N LEU A 858 -13.74 17.03 17.21
CA LEU A 858 -15.07 16.70 17.69
C LEU A 858 -15.62 17.75 18.63
N ILE A 859 -15.10 18.98 18.60
CA ILE A 859 -15.64 20.01 19.45
C ILE A 859 -16.97 20.48 18.86
N GLY A 860 -17.94 20.71 19.74
CA GLY A 860 -19.28 21.06 19.34
C GLY A 860 -20.27 19.94 19.37
N LEU A 861 -19.84 18.71 19.62
CA LEU A 861 -20.73 17.56 19.76
C LEU A 861 -20.95 17.24 21.22
N THR A 862 -22.08 16.59 21.50
CA THR A 862 -22.47 16.35 22.88
C THR A 862 -21.59 15.30 23.53
N SER A 863 -21.26 14.23 22.79
CA SER A 863 -20.48 13.15 23.38
C SER A 863 -19.12 13.64 23.84
N ARG A 864 -18.47 14.47 23.02
CA ARG A 864 -17.18 15.01 23.42
C ARG A 864 -17.32 15.87 24.66
N ALA A 865 -18.40 16.64 24.75
CA ALA A 865 -18.59 17.49 25.93
C ALA A 865 -18.73 16.66 27.19
N THR A 866 -19.55 15.61 27.13
CA THR A 866 -19.71 14.76 28.31
C THR A 866 -18.39 14.09 28.67
N TRP A 867 -17.64 13.63 27.66
CA TRP A 867 -16.35 13.00 27.92
C TRP A 867 -15.42 13.98 28.59
N ALA A 868 -15.40 15.22 28.11
CA ALA A 868 -14.52 16.21 28.69
C ALA A 868 -14.89 16.49 30.13
N GLN A 869 -16.18 16.55 30.43
CA GLN A 869 -16.56 16.85 31.81
C GLN A 869 -16.31 15.67 32.73
N ASN A 870 -16.42 14.45 32.23
CA ASN A 870 -16.30 13.27 33.06
C ASN A 870 -14.92 12.62 33.02
N ILE A 871 -13.96 13.24 32.32
CA ILE A 871 -12.64 12.65 32.18
C ILE A 871 -12.03 12.25 33.51
N LEU A 872 -12.38 12.94 34.60
CA LEU A 872 -11.82 12.59 35.89
C LEU A 872 -12.21 11.18 36.30
N THR A 873 -13.44 10.78 36.00
CA THR A 873 -13.87 9.42 36.35
C THR A 873 -13.09 8.37 35.58
N ALA A 874 -12.87 8.59 34.29
CA ALA A 874 -12.11 7.63 33.50
C ALA A 874 -10.67 7.55 33.97
N ILE A 875 -10.07 8.71 34.28
CA ILE A 875 -8.73 8.70 34.85
C ILE A 875 -8.70 7.89 36.13
N GLN A 876 -9.70 8.08 36.99
CA GLN A 876 -9.74 7.33 38.24
C GLN A 876 -9.88 5.84 37.98
N GLN A 877 -10.67 5.47 36.98
CA GLN A 877 -10.82 4.06 36.64
C GLN A 877 -9.49 3.46 36.22
N VAL A 878 -8.77 4.15 35.35
CA VAL A 878 -7.48 3.61 34.90
C VAL A 878 -6.51 3.54 36.06
N ARG A 879 -6.52 4.55 36.93
CA ARG A 879 -5.63 4.51 38.07
C ARG A 879 -5.92 3.32 38.96
N SER A 880 -7.21 3.05 39.22
CA SER A 880 -7.56 1.89 40.02
C SER A 880 -7.10 0.61 39.35
N LEU A 881 -7.29 0.51 38.04
CA LEU A 881 -6.90 -0.70 37.33
C LEU A 881 -5.40 -0.93 37.39
N ILE A 882 -4.60 0.14 37.35
CA ILE A 882 -3.16 -0.02 37.23
C ILE A 882 -2.57 -0.61 38.50
N GLY A 883 -2.90 -0.04 39.65
CA GLY A 883 -2.28 -0.48 40.88
C GLY A 883 -2.31 0.56 41.98
N ASN A 884 -1.16 0.82 42.60
CA ASN A 884 -1.09 1.76 43.71
C ASN A 884 0.15 2.65 43.58
N GLU A 885 0.43 3.11 42.38
CA GLU A 885 1.63 3.89 42.11
C GLU A 885 1.32 5.39 42.10
N GLU A 886 2.39 6.19 42.10
CA GLU A 886 2.24 7.64 42.16
C GLU A 886 1.55 8.17 40.91
N PHE A 887 0.66 9.13 41.10
CA PHE A 887 -0.07 9.73 39.98
C PHE A 887 -0.09 11.24 40.17
N LEU A 888 0.38 11.97 39.17
CA LEU A 888 0.32 13.43 39.16
C LEU A 888 -0.86 13.88 38.32
N ASP A 889 -1.64 14.82 38.84
CA ASP A 889 -2.81 15.32 38.13
C ASP A 889 -2.35 16.34 37.12
N TYR A 890 -2.22 15.94 35.87
CA TYR A 890 -1.86 16.88 34.84
C TYR A 890 -3.05 17.68 34.34
N MET A 891 -4.27 17.30 34.71
CA MET A 891 -5.43 18.07 34.29
C MET A 891 -5.39 19.52 34.73
N PRO A 892 -5.01 19.87 35.96
CA PRO A 892 -4.95 21.29 36.32
C PRO A 892 -4.09 22.14 35.41
N SER A 893 -3.39 21.53 34.45
CA SER A 893 -2.60 22.33 33.53
C SER A 893 -3.45 23.10 32.55
N MET A 894 -4.72 22.75 32.41
CA MET A 894 -5.66 23.54 31.64
C MET A 894 -6.55 24.34 32.58
N LYS A 895 -7.04 25.48 32.10
CA LYS A 895 -7.91 26.30 32.93
C LYS A 895 -9.30 25.71 33.09
N ARG A 896 -9.56 24.54 32.52
CA ARG A 896 -10.83 23.88 32.73
C ARG A 896 -10.95 23.41 34.17
N PHE A 897 -10.07 22.52 34.57
CA PHE A 897 -10.21 21.84 35.85
C PHE A 897 -9.52 22.57 36.98
N ARG A 898 -8.96 23.74 36.73
CA ARG A 898 -8.27 24.47 37.79
C ARG A 898 -9.26 25.36 38.53
ZN ZN C . -4.72 20.69 10.08
ZN ZN D . 25.30 -11.87 -1.59
PB GDP E . -30.57 -9.43 -4.85
O1B GDP E . -30.25 -8.20 -5.64
O2B GDP E . -30.68 -10.64 -5.74
O3B GDP E . -29.48 -9.66 -3.83
O3A GDP E . -31.96 -9.23 -4.08
PA GDP E . -33.22 -8.77 -4.94
O1A GDP E . -33.67 -7.41 -4.46
O2A GDP E . -32.91 -8.74 -6.42
O5' GDP E . -34.32 -9.88 -4.59
C5' GDP E . -34.11 -11.22 -4.98
C4' GDP E . -35.23 -12.05 -4.35
O4' GDP E . -35.49 -11.52 -3.06
C3' GDP E . -36.52 -11.92 -5.13
O3' GDP E . -36.72 -13.07 -5.95
C2' GDP E . -37.60 -11.90 -4.08
O2' GDP E . -38.09 -13.22 -3.96
C1' GDP E . -36.90 -11.51 -2.79
N9 GDP E . -37.34 -10.17 -2.40
C8 GDP E . -37.02 -9.02 -3.03
N7 GDP E . -37.57 -7.95 -2.42
C5 GDP E . -38.26 -8.41 -1.37
C6 GDP E . -39.08 -7.82 -0.31
O6 GDP E . -39.27 -6.58 -0.25
N1 GDP E . -39.63 -8.64 0.60
C2 GDP E . -39.44 -9.97 0.56
N2 GDP E . -40.03 -10.74 1.52
N3 GDP E . -38.71 -10.58 -0.39
C4 GDP E . -38.10 -9.86 -1.36
MG MG F . -31.32 -8.19 -7.46
#